data_2XEI
#
_entry.id   2XEI
#
_cell.length_a   101.499
_cell.length_b   130.038
_cell.length_c   158.637
_cell.angle_alpha   90.00
_cell.angle_beta   90.00
_cell.angle_gamma   90.00
#
_symmetry.space_group_name_H-M   'I 2 2 2'
#
loop_
_entity.id
_entity.type
_entity.pdbx_description
1 polymer 'GLUTAMATE CARBOXYPEPTIDASE 2'
2 branched 2-acetamido-2-deoxy-beta-D-glucopyranose-(1-4)-2-acetamido-2-deoxy-beta-D-glucopyranose
3 branched alpha-D-mannopyranose-(1-3)-beta-D-mannopyranose-(1-4)-2-acetamido-2-deoxy-beta-D-glucopyranose-(1-4)-2-acetamido-2-deoxy-beta-D-glucopyranose
4 non-polymer 'ZINC ION'
5 non-polymer 'CALCIUM ION'
6 non-polymer 'CHLORIDE ION'
7 non-polymer 2-acetamido-2-deoxy-beta-D-glucopyranose
8 non-polymer 'N-({(1S)-5-[4-({2-[2-({2,4-BIS[HYDROXY(OXO)AMMONIO]PHENYL}AMINO)ETHOXY]ETHOXY}METHYL)-1H-1,2,3-TRIAZOL-1-YL]-1-CARBOXYPENTYL}CARBAMOYL)-L-GLUTAMIC ACID'
9 water water
#
_entity_poly.entity_id   1
_entity_poly.type   'polypeptide(L)'
_entity_poly.pdbx_seq_one_letter_code
;RSKSSNEATNITPKHNMKAFLDELKAENIKKFLYNFTQIPHLAGTEQNFQLAKQIQSQWKEFGLDSVELAHYDVLLSYPN
KTHPNYISIINEDGNEIFNTSLFEPPPPGYENVSDIVPPFSAFSPQGMPEGDLVYVNYARTEDFFKLERDMKINCSGKIV
IARYGKVFRGNKVKNAQLAGAKGVILYSDPADYFAPGVKSYPDGWNLPGGGVQRGNILNLNGAGDPLTPGYPANEYAYRR
GIAEAVGLPSIPVHPIGYYDAQKLLEKMGGSAPPDSSWRGSLKVPYNVGPGFTGNFSTQKVKMHIHSTNEVTRIYNVIGT
LRGAVEPDRYVILGGHRDSWVFGGIDPQSGAAVVHEIVRSFGTLKKEGWRPRRTILFASWDAEEFGLLGSTEWAEENSRL
LQERGVAYINADSSIEGNYTLRVDCTPLMYSLVHNLTKELKSPDEGFEGKSLYESWTKKSPSPEFSGMPRISKLGSGNDF
EVFFQRLGIASGRARYTKNWETNKFSGYPLYHSVYETYELVEKFYDPMFKYHLTVAQVRGGMVFELANSIVLPFDCRDYA
VVLRKYADKIYSISMKHPQEMKTYSVSFDSLFSAVKNFTEIASKFSERLQDFDKSNPIVLRMMNDQLMFLERAFIDPLGL
PDRPFYRHVIYAPSSHNKYAGESFPGIYDALFDIESKVDPSKAWGEVKRQIYVAAFTVQAAAETLSEVA
;
_entity_poly.pdbx_strand_id   A
#
loop_
_chem_comp.id
_chem_comp.type
_chem_comp.name
_chem_comp.formula
ARK non-polymer 'N-({(1S)-5-[4-({2-[2-({2,4-BIS[HYDROXY(OXO)AMMONIO]PHENYL}AMINO)ETHOXY]ETHOXY}METHYL)-1H-1,2,3-TRIAZOL-1-YL]-1-CARBOXYPENTYL}CARBAMOYL)-L-GLUTAMIC ACID' 'C25 H36 N8 O13 2'
BMA D-saccharide, beta linking beta-D-mannopyranose 'C6 H12 O6'
CA non-polymer 'CALCIUM ION' 'Ca 2'
CL non-polymer 'CHLORIDE ION' 'Cl -1'
MAN D-saccharide, alpha linking alpha-D-mannopyranose 'C6 H12 O6'
NAG D-saccharide, beta linking 2-acetamido-2-deoxy-beta-D-glucopyranose 'C8 H15 N O6'
ZN non-polymer 'ZINC ION' 'Zn 2'
#
# COMPACT_ATOMS: atom_id res chain seq x y z
N LYS A 14 23.20 -13.15 -27.15
CA LYS A 14 23.56 -12.31 -25.97
C LYS A 14 22.59 -12.46 -24.80
N HIS A 15 23.14 -12.37 -23.60
CA HIS A 15 22.32 -12.36 -22.40
C HIS A 15 22.28 -10.94 -21.93
N ASN A 16 21.26 -10.20 -22.35
CA ASN A 16 21.18 -8.82 -21.97
C ASN A 16 19.75 -8.55 -21.59
N MET A 17 19.44 -7.30 -21.33
CA MET A 17 18.08 -7.09 -20.87
C MET A 17 17.10 -7.52 -21.95
N LYS A 18 17.42 -7.25 -23.20
CA LYS A 18 16.48 -7.59 -24.26
C LYS A 18 16.15 -9.09 -24.31
N ALA A 19 17.17 -9.94 -24.11
CA ALA A 19 16.95 -11.40 -24.00
C ALA A 19 15.94 -11.69 -22.88
N PHE A 20 16.16 -11.07 -21.72
CA PHE A 20 15.30 -11.29 -20.57
C PHE A 20 13.86 -10.89 -20.93
N LEU A 21 13.70 -9.67 -21.45
CA LEU A 21 12.38 -9.15 -21.75
C LEU A 21 11.68 -9.98 -22.83
N ASP A 22 12.43 -10.44 -23.82
CA ASP A 22 11.76 -11.18 -24.92
C ASP A 22 11.25 -12.54 -24.50
N GLU A 23 11.81 -13.08 -23.43
CA GLU A 23 11.41 -14.38 -22.99
C GLU A 23 10.04 -14.32 -22.30
N LEU A 24 9.69 -13.15 -21.72
CA LEU A 24 8.38 -12.96 -21.05
C LEU A 24 7.22 -13.14 -22.04
N LYS A 25 6.17 -13.90 -21.67
CA LYS A 25 5.05 -14.15 -22.59
C LYS A 25 3.71 -13.89 -21.92
N ALA A 26 2.84 -13.16 -22.60
CA ALA A 26 1.49 -12.89 -22.13
C ALA A 26 0.78 -14.19 -21.85
N GLU A 27 0.97 -15.17 -22.73
CA GLU A 27 0.22 -16.40 -22.63
C GLU A 27 0.60 -17.16 -21.36
N ASN A 28 1.86 -17.03 -20.93
CA ASN A 28 2.26 -17.67 -19.65
C ASN A 28 1.64 -16.99 -18.46
N ILE A 29 1.60 -15.66 -18.49
CA ILE A 29 0.98 -14.89 -17.39
C ILE A 29 -0.47 -15.32 -17.26
N LYS A 30 -1.15 -15.48 -18.40
CA LYS A 30 -2.56 -15.89 -18.41
C LYS A 30 -2.72 -17.29 -17.79
N LYS A 31 -1.92 -18.26 -18.23
CA LYS A 31 -1.95 -19.61 -17.62
C LYS A 31 -1.70 -19.59 -16.11
N PHE A 32 -0.72 -18.81 -15.65
CA PHE A 32 -0.44 -18.76 -14.23
C PHE A 32 -1.60 -18.10 -13.47
N LEU A 33 -2.18 -17.04 -14.04
CA LEU A 33 -3.27 -16.37 -13.33
C LEU A 33 -4.44 -17.35 -13.19
N TYR A 34 -4.81 -18.04 -14.26
CA TYR A 34 -5.86 -19.06 -14.13
C TYR A 34 -5.55 -20.10 -13.03
N ASN A 35 -4.31 -20.57 -13.00
CA ASN A 35 -3.89 -21.57 -12.04
C ASN A 35 -3.97 -21.08 -10.59
N PHE A 36 -3.75 -19.76 -10.38
CA PHE A 36 -3.70 -19.21 -9.02
C PHE A 36 -5.04 -18.78 -8.48
N THR A 37 -6.12 -18.88 -9.29
CA THR A 37 -7.33 -18.20 -8.87
C THR A 37 -8.55 -19.14 -8.88
N GLN A 38 -8.35 -20.46 -8.86
CA GLN A 38 -9.49 -21.40 -8.98
C GLN A 38 -10.14 -21.63 -7.63
N ILE A 39 -9.35 -21.47 -6.56
CA ILE A 39 -9.88 -21.67 -5.19
C ILE A 39 -9.40 -20.51 -4.33
N PRO A 40 -10.07 -20.26 -3.17
CA PRO A 40 -9.57 -19.16 -2.31
C PRO A 40 -8.23 -19.48 -1.70
N HIS A 41 -7.41 -18.45 -1.46
CA HIS A 41 -6.11 -18.65 -0.79
C HIS A 41 -5.93 -17.71 0.41
N LEU A 42 -6.87 -17.79 1.34
CA LEU A 42 -6.88 -16.93 2.50
C LEU A 42 -5.67 -17.25 3.39
N ALA A 43 -5.04 -16.20 3.93
CA ALA A 43 -3.84 -16.43 4.78
C ALA A 43 -4.23 -17.38 5.92
N GLY A 44 -3.30 -18.29 6.21
CA GLY A 44 -3.47 -19.17 7.34
C GLY A 44 -4.24 -20.42 7.03
N THR A 45 -4.80 -20.57 5.83
CA THR A 45 -5.57 -21.76 5.50
C THR A 45 -4.73 -22.81 4.76
N GLU A 46 -5.21 -24.06 4.72
CA GLU A 46 -4.47 -25.12 4.06
C GLU A 46 -4.24 -24.84 2.57
N GLN A 47 -5.26 -24.29 1.89
CA GLN A 47 -5.13 -24.02 0.47
C GLN A 47 -3.99 -23.04 0.20
N ASN A 48 -3.77 -22.07 1.08
CA ASN A 48 -2.71 -21.14 0.84
C ASN A 48 -1.33 -21.78 1.09
N PHE A 49 -1.25 -22.70 2.05
CA PHE A 49 0.00 -23.45 2.27
C PHE A 49 0.28 -24.34 1.07
N GLN A 50 -0.76 -25.02 0.56
CA GLN A 50 -0.55 -25.80 -0.68
C GLN A 50 -0.04 -24.96 -1.86
N LEU A 51 -0.61 -23.77 -2.06
CA LEU A 51 -0.09 -22.92 -3.13
C LEU A 51 1.39 -22.51 -2.85
N ALA A 52 1.71 -22.15 -1.59
CA ALA A 52 3.14 -21.93 -1.22
C ALA A 52 4.05 -23.07 -1.65
N LYS A 53 3.63 -24.31 -1.41
CA LYS A 53 4.47 -25.45 -1.76
C LYS A 53 4.60 -25.60 -3.27
N GLN A 54 3.49 -25.32 -3.97
CA GLN A 54 3.51 -25.36 -5.44
C GLN A 54 4.51 -24.31 -6.00
N ILE A 55 4.45 -23.08 -5.49
CA ILE A 55 5.32 -22.01 -5.98
C ILE A 55 6.77 -22.38 -5.68
N GLN A 56 7.01 -22.85 -4.47
CA GLN A 56 8.35 -23.28 -4.11
C GLN A 56 8.84 -24.32 -5.12
N SER A 57 8.06 -25.36 -5.36
CA SER A 57 8.48 -26.39 -6.34
C SER A 57 8.75 -25.83 -7.73
N GLN A 58 7.84 -24.98 -8.23
CA GLN A 58 8.00 -24.40 -9.56
C GLN A 58 9.20 -23.47 -9.66
N TRP A 59 9.42 -22.61 -8.66
CA TRP A 59 10.60 -21.77 -8.67
C TRP A 59 11.91 -22.57 -8.74
N LYS A 60 11.97 -23.71 -8.03
CA LYS A 60 13.15 -24.62 -8.12
C LYS A 60 13.28 -25.14 -9.54
N GLU A 61 12.20 -25.63 -10.12
CA GLU A 61 12.22 -26.15 -11.47
C GLU A 61 12.56 -25.04 -12.49
N PHE A 62 12.11 -23.82 -12.23
CA PHE A 62 12.45 -22.68 -13.10
C PHE A 62 13.95 -22.37 -13.10
N GLY A 63 14.70 -22.78 -12.06
CA GLY A 63 16.13 -22.67 -12.06
C GLY A 63 16.75 -21.90 -10.91
N LEU A 64 15.95 -21.44 -9.93
CA LEU A 64 16.58 -20.66 -8.84
C LEU A 64 17.57 -21.49 -8.05
N ASP A 65 18.55 -20.84 -7.46
CA ASP A 65 19.55 -21.55 -6.66
C ASP A 65 19.03 -22.19 -5.38
N SER A 66 18.15 -21.51 -4.67
CA SER A 66 17.60 -22.05 -3.44
C SER A 66 16.19 -21.44 -3.35
N VAL A 67 15.24 -22.21 -2.84
CA VAL A 67 13.88 -21.72 -2.66
C VAL A 67 13.43 -22.36 -1.34
N GLU A 68 13.18 -21.52 -0.34
CA GLU A 68 12.81 -21.99 0.99
C GLU A 68 11.48 -21.41 1.44
N LEU A 69 10.77 -22.07 2.35
CA LEU A 69 9.65 -21.41 3.01
C LEU A 69 10.15 -20.82 4.33
N ALA A 70 9.73 -19.60 4.65
CA ALA A 70 10.04 -18.97 5.94
C ALA A 70 8.67 -18.82 6.59
N HIS A 71 8.45 -19.51 7.70
CA HIS A 71 7.13 -19.47 8.39
C HIS A 71 7.22 -18.68 9.68
N TYR A 72 6.08 -18.14 10.11
CA TYR A 72 5.95 -17.36 11.34
C TYR A 72 4.58 -17.70 11.93
N ASP A 73 4.38 -17.44 13.22
CA ASP A 73 3.06 -17.68 13.85
C ASP A 73 2.57 -16.35 14.33
N VAL A 74 1.58 -15.81 13.58
CA VAL A 74 1.14 -14.44 13.77
C VAL A 74 -0.37 -14.34 14.08
N LEU A 75 -0.79 -13.19 14.63
CA LEU A 75 -2.20 -13.05 14.97
C LEU A 75 -2.99 -12.81 13.69
N LEU A 76 -3.94 -13.70 13.43
CA LEU A 76 -4.90 -13.52 12.28
C LEU A 76 -6.32 -13.43 12.87
N SER A 77 -7.31 -13.23 12.01
CA SER A 77 -8.69 -13.01 12.50
C SER A 77 -9.66 -13.64 11.52
N TYR A 78 -10.67 -14.36 12.02
CA TYR A 78 -11.59 -15.04 11.14
C TYR A 78 -12.98 -15.03 11.70
N PRO A 79 -13.99 -15.01 10.83
CA PRO A 79 -15.33 -15.12 11.40
C PRO A 79 -15.57 -16.47 12.03
N ASN A 80 -16.58 -16.56 12.90
CA ASN A 80 -16.98 -17.84 13.46
C ASN A 80 -17.96 -18.52 12.48
N LYS A 81 -17.55 -19.67 11.92
CA LYS A 81 -18.37 -20.42 10.94
C LYS A 81 -19.75 -20.80 11.47
N THR A 82 -19.87 -21.01 12.77
CA THR A 82 -21.16 -21.37 13.31
C THR A 82 -21.91 -20.26 14.07
N HIS A 83 -21.46 -19.02 13.95
CA HIS A 83 -22.10 -17.91 14.64
C HIS A 83 -21.84 -16.66 13.77
N PRO A 84 -22.59 -16.51 12.68
CA PRO A 84 -22.25 -15.50 11.66
C PRO A 84 -22.47 -14.06 12.11
N ASN A 85 -21.68 -13.18 11.51
CA ASN A 85 -21.73 -11.74 11.79
C ASN A 85 -22.85 -11.17 10.98
N TYR A 86 -23.63 -10.26 11.56
CA TYR A 86 -24.61 -9.51 10.75
C TYR A 86 -25.04 -8.31 11.55
N ILE A 87 -25.80 -7.43 10.88
CA ILE A 87 -26.33 -6.23 11.47
C ILE A 87 -27.85 -6.28 11.30
N SER A 88 -28.54 -5.72 12.29
CA SER A 88 -30.02 -5.68 12.29
C SER A 88 -30.52 -4.30 12.57
N ILE A 89 -31.76 -4.02 12.13
CA ILE A 89 -32.54 -2.94 12.69
C ILE A 89 -33.50 -3.67 13.60
N ILE A 90 -33.58 -3.19 14.81
CA ILE A 90 -34.38 -3.87 15.82
C ILE A 90 -35.49 -2.89 16.27
N ASN A 91 -36.72 -3.37 16.47
CA ASN A 91 -37.78 -2.48 16.99
C ASN A 91 -37.75 -2.41 18.52
N GLU A 92 -38.66 -1.62 19.11
CA GLU A 92 -38.64 -1.42 20.57
C GLU A 92 -38.97 -2.66 21.44
N ASP A 93 -39.52 -3.70 20.82
CA ASP A 93 -39.66 -5.03 21.43
C ASP A 93 -38.39 -5.87 21.37
N GLY A 94 -37.40 -5.44 20.59
CA GLY A 94 -36.26 -6.29 20.39
C GLY A 94 -36.44 -7.31 19.27
N ASN A 95 -37.40 -7.07 18.37
CA ASN A 95 -37.53 -7.87 17.14
C ASN A 95 -36.61 -7.37 16.03
N GLU A 96 -35.84 -8.29 15.46
CA GLU A 96 -34.93 -7.91 14.37
C GLU A 96 -35.71 -7.90 13.08
N ILE A 97 -36.05 -6.68 12.63
CA ILE A 97 -36.94 -6.53 11.49
C ILE A 97 -36.23 -6.44 10.14
N PHE A 98 -34.91 -6.34 10.17
CA PHE A 98 -34.16 -6.35 8.96
C PHE A 98 -32.79 -6.88 9.33
N ASN A 99 -32.26 -7.81 8.54
CA ASN A 99 -30.91 -8.33 8.73
C ASN A 99 -30.06 -8.18 7.51
N THR A 100 -28.78 -7.84 7.67
CA THR A 100 -27.90 -7.73 6.52
C THR A 100 -27.53 -9.15 6.08
N SER A 101 -27.00 -9.27 4.86
CA SER A 101 -26.69 -10.56 4.24
C SER A 101 -25.66 -11.35 5.02
N LEU A 102 -25.73 -12.68 4.96
CA LEU A 102 -24.69 -13.50 5.62
C LEU A 102 -23.53 -13.85 4.68
N PHE A 103 -23.68 -13.55 3.39
CA PHE A 103 -22.62 -13.86 2.41
C PHE A 103 -22.94 -13.13 1.12
N GLU A 104 -21.93 -12.92 0.25
CA GLU A 104 -22.17 -12.33 -1.09
C GLU A 104 -22.67 -13.45 -2.01
N PRO A 105 -23.69 -13.18 -2.82
CA PRO A 105 -24.10 -14.19 -3.80
C PRO A 105 -22.88 -14.61 -4.66
N PRO A 106 -22.53 -15.92 -4.69
CA PRO A 106 -21.30 -16.22 -5.40
C PRO A 106 -21.44 -16.06 -6.92
N PRO A 107 -20.30 -15.78 -7.59
CA PRO A 107 -20.44 -15.56 -9.03
C PRO A 107 -20.72 -16.86 -9.81
N PRO A 108 -21.19 -16.76 -11.08
CA PRO A 108 -21.57 -17.93 -11.90
C PRO A 108 -20.50 -19.02 -11.95
N GLY A 109 -20.87 -20.24 -11.59
CA GLY A 109 -19.94 -21.34 -11.73
C GLY A 109 -19.09 -21.55 -10.49
N TYR A 110 -19.22 -20.64 -9.53
CA TYR A 110 -18.49 -20.71 -8.22
C TYR A 110 -19.47 -20.87 -7.07
N GLU A 111 -20.73 -21.08 -7.39
CA GLU A 111 -21.75 -21.21 -6.35
C GLU A 111 -21.52 -22.49 -5.49
N ASN A 112 -20.62 -23.39 -5.92
CA ASN A 112 -20.30 -24.60 -5.11
C ASN A 112 -18.88 -24.61 -4.53
N VAL A 113 -18.14 -23.52 -4.70
CA VAL A 113 -16.85 -23.40 -4.06
C VAL A 113 -17.07 -23.26 -2.53
N SER A 114 -16.39 -24.06 -1.74
CA SER A 114 -16.53 -23.80 -0.30
C SER A 114 -15.31 -23.01 0.22
N ASP A 115 -15.40 -22.65 1.50
CA ASP A 115 -14.31 -21.96 2.09
C ASP A 115 -14.22 -20.54 1.53
N ILE A 116 -15.32 -20.01 0.96
CA ILE A 116 -15.29 -18.58 0.69
C ILE A 116 -15.55 -17.84 2.01
N VAL A 117 -14.60 -17.05 2.50
CA VAL A 117 -14.83 -16.39 3.78
C VAL A 117 -15.92 -15.32 3.60
N PRO A 118 -16.98 -15.29 4.45
CA PRO A 118 -18.01 -14.22 4.27
C PRO A 118 -17.41 -12.86 4.58
N PRO A 119 -18.02 -11.77 4.07
CA PRO A 119 -17.47 -10.46 4.39
C PRO A 119 -17.37 -10.20 5.91
N PHE A 120 -16.22 -9.68 6.30
CA PHE A 120 -16.00 -9.24 7.66
C PHE A 120 -14.84 -8.25 7.65
N SER A 121 -14.74 -7.54 8.79
CA SER A 121 -13.61 -6.62 9.03
C SER A 121 -12.61 -7.36 9.91
N ALA A 122 -11.47 -7.73 9.32
CA ALA A 122 -10.50 -8.51 10.11
C ALA A 122 -9.98 -7.67 11.28
N PHE A 123 -9.95 -8.34 12.44
CA PHE A 123 -9.47 -7.89 13.76
C PHE A 123 -10.53 -7.09 14.53
N SER A 124 -11.72 -7.02 14.00
CA SER A 124 -12.82 -6.48 14.80
C SER A 124 -12.95 -7.24 16.14
N PRO A 125 -13.10 -6.51 17.26
CA PRO A 125 -13.48 -7.29 18.47
C PRO A 125 -14.90 -7.80 18.38
N GLN A 126 -15.26 -8.68 19.31
CA GLN A 126 -16.61 -9.21 19.40
C GLN A 126 -17.49 -8.22 20.11
N GLY A 127 -18.78 -8.25 19.81
CA GLY A 127 -19.68 -7.40 20.57
C GLY A 127 -21.05 -7.42 19.93
N MET A 128 -22.05 -6.96 20.68
CA MET A 128 -23.37 -6.77 20.10
C MET A 128 -23.94 -5.39 20.43
N PRO A 129 -23.20 -4.30 20.16
CA PRO A 129 -23.70 -2.97 20.51
C PRO A 129 -25.02 -2.66 19.76
N GLU A 130 -25.96 -1.96 20.43
CA GLU A 130 -27.25 -1.48 19.81
C GLU A 130 -27.28 0.02 20.05
N GLY A 131 -27.69 0.80 19.07
CA GLY A 131 -27.67 2.25 19.26
C GLY A 131 -28.27 2.98 18.11
N ASP A 132 -28.19 4.30 18.14
CA ASP A 132 -28.66 5.13 17.03
C ASP A 132 -27.52 5.39 16.06
N LEU A 133 -27.85 5.38 14.78
CA LEU A 133 -26.84 5.61 13.75
C LEU A 133 -26.46 7.08 13.60
N VAL A 134 -25.17 7.35 13.32
CA VAL A 134 -24.78 8.66 12.79
C VAL A 134 -24.03 8.40 11.47
N TYR A 135 -24.42 9.09 10.42
CA TYR A 135 -23.70 8.99 9.13
C TYR A 135 -22.55 9.99 9.06
N VAL A 136 -21.34 9.49 8.76
CA VAL A 136 -20.12 10.29 8.91
C VAL A 136 -19.35 10.45 7.58
N ASN A 137 -20.06 10.32 6.47
CA ASN A 137 -19.48 10.47 5.15
C ASN A 137 -18.34 9.46 5.03
N TYR A 138 -17.13 9.88 4.63
CA TYR A 138 -16.01 8.92 4.49
C TYR A 138 -15.24 8.65 5.81
N ALA A 139 -15.74 9.20 6.94
CA ALA A 139 -15.09 9.05 8.23
C ALA A 139 -13.61 9.53 8.22
N ARG A 140 -13.33 10.54 7.39
CA ARG A 140 -12.00 11.18 7.40
C ARG A 140 -11.88 12.14 8.57
N THR A 141 -10.63 12.50 8.90
CA THR A 141 -10.40 13.49 9.94
C THR A 141 -11.25 14.75 9.68
N GLU A 142 -11.29 15.22 8.43
CA GLU A 142 -12.08 16.43 8.19
C GLU A 142 -13.59 16.21 8.25
N ASP A 143 -14.06 14.97 8.00
CA ASP A 143 -15.51 14.71 8.17
C ASP A 143 -15.90 14.80 9.65
N PHE A 144 -15.07 14.23 10.55
CA PHE A 144 -15.31 14.37 11.97
C PHE A 144 -15.14 15.79 12.47
N PHE A 145 -14.19 16.56 11.89
CA PHE A 145 -14.10 18.00 12.22
C PHE A 145 -15.44 18.69 11.91
N LYS A 146 -15.98 18.43 10.72
CA LYS A 146 -17.26 19.05 10.29
C LYS A 146 -18.44 18.67 11.21
N LEU A 147 -18.55 17.39 11.56
CA LEU A 147 -19.62 16.94 12.46
C LEU A 147 -19.52 17.55 13.82
N GLU A 148 -18.33 17.48 14.41
CA GLU A 148 -18.10 17.90 15.78
C GLU A 148 -17.99 19.40 15.96
N ARG A 149 -17.19 20.05 15.11
CA ARG A 149 -16.89 21.48 15.29
C ARG A 149 -17.96 22.36 14.65
N ASP A 150 -18.42 21.98 13.46
CA ASP A 150 -19.41 22.80 12.73
C ASP A 150 -20.83 22.39 12.99
N MET A 151 -21.14 21.11 12.89
CA MET A 151 -22.54 20.72 13.04
C MET A 151 -22.90 20.44 14.48
N LYS A 152 -21.92 20.37 15.37
CA LYS A 152 -22.15 20.09 16.79
C LYS A 152 -22.86 18.78 17.02
N ILE A 153 -22.56 17.76 16.21
CA ILE A 153 -23.14 16.43 16.41
C ILE A 153 -22.19 15.57 17.21
N ASN A 154 -22.68 14.92 18.25
CA ASN A 154 -21.82 14.15 19.13
C ASN A 154 -21.93 12.63 18.79
N CYS A 155 -20.79 11.99 18.42
CA CYS A 155 -20.82 10.57 18.10
C CYS A 155 -20.71 9.66 19.30
N SER A 156 -20.59 10.24 20.50
CA SER A 156 -20.31 9.42 21.66
C SER A 156 -21.46 8.44 21.97
N GLY A 157 -21.14 7.14 21.92
CA GLY A 157 -22.13 6.10 22.19
C GLY A 157 -23.04 5.83 21.01
N LYS A 158 -22.74 6.38 19.84
CA LYS A 158 -23.53 6.12 18.65
C LYS A 158 -22.85 5.03 17.80
N ILE A 159 -23.62 4.39 16.92
CA ILE A 159 -22.99 3.53 15.88
C ILE A 159 -22.80 4.41 14.67
N VAL A 160 -21.61 4.39 14.09
CA VAL A 160 -21.37 5.28 12.97
C VAL A 160 -21.47 4.44 11.69
N ILE A 161 -22.08 5.00 10.66
CA ILE A 161 -22.02 4.36 9.37
C ILE A 161 -21.22 5.25 8.42
N ALA A 162 -20.22 4.66 7.74
CA ALA A 162 -19.29 5.44 6.91
C ALA A 162 -19.21 4.77 5.54
N ARG A 163 -19.14 5.57 4.48
CA ARG A 163 -18.86 4.96 3.20
C ARG A 163 -17.37 4.73 2.98
N TYR A 164 -17.06 3.57 2.37
CA TYR A 164 -15.70 3.26 2.02
C TYR A 164 -15.22 4.26 0.99
N GLY A 165 -13.90 4.45 0.87
CA GLY A 165 -13.33 5.29 -0.20
C GLY A 165 -12.48 6.42 0.40
N LYS A 166 -11.64 7.01 -0.42
CA LYS A 166 -10.81 8.19 -0.03
C LYS A 166 -9.64 7.88 0.85
N VAL A 167 -9.85 7.09 1.92
CA VAL A 167 -8.74 6.80 2.87
C VAL A 167 -8.80 5.35 3.30
N PHE A 168 -7.69 4.87 3.85
CA PHE A 168 -7.64 3.49 4.35
C PHE A 168 -8.71 3.26 5.43
N ARG A 169 -9.36 2.10 5.37
CA ARG A 169 -10.49 1.83 6.34
C ARG A 169 -10.05 1.81 7.81
N GLY A 170 -8.79 1.46 8.08
CA GLY A 170 -8.28 1.46 9.44
C GLY A 170 -8.24 2.91 9.99
N ASN A 171 -7.98 3.91 9.13
CA ASN A 171 -8.02 5.29 9.61
C ASN A 171 -9.44 5.73 9.96
N LYS A 172 -10.40 5.27 9.15
CA LYS A 172 -11.82 5.52 9.43
C LYS A 172 -12.20 5.01 10.85
N VAL A 173 -11.79 3.76 11.14
CA VAL A 173 -12.12 3.16 12.41
C VAL A 173 -11.42 3.90 13.58
N LYS A 174 -10.14 4.23 13.42
CA LYS A 174 -9.45 5.00 14.46
C LYS A 174 -10.19 6.34 14.70
N ASN A 175 -10.58 7.02 13.63
CA ASN A 175 -11.29 8.30 13.73
C ASN A 175 -12.60 8.11 14.46
N ALA A 176 -13.34 7.06 14.09
CA ALA A 176 -14.68 6.80 14.76
C ALA A 176 -14.48 6.49 16.25
N GLN A 177 -13.46 5.70 16.53
N GLN A 177 -13.48 5.68 16.59
CA GLN A 177 -13.11 5.28 17.89
CA GLN A 177 -13.21 5.38 18.01
C GLN A 177 -12.75 6.48 18.78
C GLN A 177 -12.93 6.66 18.76
N LEU A 178 -12.01 7.46 18.22
CA LEU A 178 -11.62 8.67 18.91
C LEU A 178 -12.78 9.63 19.05
N ALA A 179 -13.76 9.58 18.14
CA ALA A 179 -15.02 10.32 18.29
C ALA A 179 -15.95 9.71 19.34
N GLY A 180 -15.59 8.57 19.93
CA GLY A 180 -16.46 7.90 20.90
C GLY A 180 -17.55 6.95 20.39
N ALA A 181 -17.47 6.56 19.11
CA ALA A 181 -18.48 5.65 18.54
C ALA A 181 -18.41 4.33 19.28
N LYS A 182 -19.55 3.61 19.36
CA LYS A 182 -19.50 2.25 19.91
C LYS A 182 -19.50 1.15 18.86
N GLY A 183 -19.52 1.51 17.58
CA GLY A 183 -19.40 0.51 16.52
C GLY A 183 -19.32 1.23 15.22
N VAL A 184 -18.82 0.55 14.19
CA VAL A 184 -18.70 1.17 12.88
C VAL A 184 -19.28 0.22 11.81
N ILE A 185 -20.09 0.77 10.93
CA ILE A 185 -20.59 0.02 9.79
C ILE A 185 -19.96 0.68 8.53
N LEU A 186 -19.25 -0.10 7.71
CA LEU A 186 -18.61 0.40 6.48
C LEU A 186 -19.44 -0.11 5.32
N TYR A 187 -19.68 0.73 4.30
CA TYR A 187 -20.44 0.21 3.14
C TYR A 187 -19.90 0.79 1.86
N SER A 188 -20.15 0.13 0.74
CA SER A 188 -19.72 0.61 -0.57
C SER A 188 -20.81 1.41 -1.26
N ASP A 189 -20.62 2.70 -1.42
CA ASP A 189 -21.66 3.53 -2.11
C ASP A 189 -21.41 3.44 -3.61
N PRO A 190 -22.49 3.33 -4.42
CA PRO A 190 -22.30 3.30 -5.86
C PRO A 190 -21.62 4.57 -6.34
N ALA A 191 -21.73 5.68 -5.61
CA ALA A 191 -20.96 6.87 -6.02
C ALA A 191 -19.45 6.58 -6.17
N ASP A 192 -18.92 5.70 -5.34
CA ASP A 192 -17.51 5.42 -5.30
C ASP A 192 -17.14 4.05 -5.88
N TYR A 193 -18.09 3.14 -6.09
CA TYR A 193 -17.75 1.83 -6.60
C TYR A 193 -18.63 1.37 -7.74
N PHE A 194 -19.26 2.31 -8.46
CA PHE A 194 -20.09 1.93 -9.62
C PHE A 194 -19.86 3.00 -10.68
N ALA A 195 -19.07 2.66 -11.69
CA ALA A 195 -18.76 3.57 -12.76
C ALA A 195 -20.00 3.71 -13.67
N PRO A 196 -20.42 4.94 -13.92
CA PRO A 196 -21.56 5.17 -14.82
C PRO A 196 -21.40 4.44 -16.18
N GLY A 197 -22.48 3.84 -16.68
CA GLY A 197 -22.51 3.22 -17.99
C GLY A 197 -21.87 1.87 -18.12
N VAL A 198 -21.48 1.25 -17.00
CA VAL A 198 -20.89 -0.12 -17.01
C VAL A 198 -21.81 -1.02 -16.20
N LYS A 199 -21.89 -2.29 -16.56
CA LYS A 199 -22.78 -3.19 -15.86
C LYS A 199 -22.07 -3.84 -14.67
N SER A 200 -22.86 -4.28 -13.69
CA SER A 200 -22.42 -5.05 -12.52
C SER A 200 -21.89 -6.40 -12.95
N TYR A 201 -20.96 -6.96 -12.16
CA TYR A 201 -20.50 -8.31 -12.41
C TYR A 201 -21.70 -9.26 -12.33
N PRO A 202 -21.78 -10.29 -13.20
CA PRO A 202 -20.80 -10.82 -14.19
C PRO A 202 -20.88 -10.17 -15.60
N ASP A 203 -21.67 -9.15 -15.75
CA ASP A 203 -21.85 -8.55 -17.09
C ASP A 203 -20.96 -7.37 -17.36
N GLY A 204 -20.25 -6.88 -16.33
CA GLY A 204 -19.33 -5.81 -16.48
C GLY A 204 -18.48 -5.84 -15.23
N TRP A 205 -17.72 -4.78 -15.04
CA TRP A 205 -16.73 -4.78 -13.94
C TRP A 205 -17.17 -3.97 -12.73
N ASN A 206 -18.46 -3.61 -12.69
CA ASN A 206 -18.97 -2.86 -11.53
C ASN A 206 -19.35 -3.76 -10.39
N LEU A 207 -19.51 -3.14 -9.20
CA LEU A 207 -19.86 -3.82 -7.94
C LEU A 207 -21.37 -3.94 -7.89
N PRO A 208 -21.89 -5.18 -7.75
CA PRO A 208 -23.32 -5.34 -7.54
C PRO A 208 -23.75 -4.97 -6.14
N GLY A 209 -25.06 -4.79 -5.94
CA GLY A 209 -25.57 -4.32 -4.66
C GLY A 209 -25.31 -5.31 -3.51
N GLY A 210 -25.13 -6.59 -3.80
CA GLY A 210 -24.79 -7.58 -2.76
C GLY A 210 -23.28 -7.75 -2.53
N GLY A 211 -22.46 -7.05 -3.32
CA GLY A 211 -21.01 -7.16 -3.21
C GLY A 211 -20.51 -6.40 -1.99
N VAL A 212 -19.47 -6.92 -1.36
CA VAL A 212 -18.94 -6.32 -0.14
C VAL A 212 -17.41 -6.41 -0.13
N GLN A 213 -16.79 -5.34 0.36
CA GLN A 213 -15.34 -5.21 0.38
C GLN A 213 -14.85 -5.70 1.73
N ARG A 214 -14.11 -6.80 1.71
CA ARG A 214 -13.38 -7.26 2.90
C ARG A 214 -12.16 -6.37 3.18
N GLY A 215 -11.58 -6.51 4.38
CA GLY A 215 -10.31 -5.84 4.63
C GLY A 215 -10.04 -5.63 6.11
N ASN A 216 -8.75 -5.63 6.45
CA ASN A 216 -8.42 -5.41 7.84
C ASN A 216 -8.57 -3.92 8.24
N ILE A 217 -8.80 -3.72 9.53
CA ILE A 217 -9.01 -2.39 10.14
C ILE A 217 -8.02 -2.05 11.24
N LEU A 218 -6.83 -2.64 11.12
CA LEU A 218 -5.75 -2.40 12.11
C LEU A 218 -5.14 -1.01 11.91
N ASN A 219 -4.49 -0.50 12.95
CA ASN A 219 -3.61 0.67 12.77
C ASN A 219 -2.23 0.30 13.29
N LEU A 220 -1.46 -0.45 12.52
CA LEU A 220 -0.23 -1.02 13.00
C LEU A 220 0.90 -0.02 12.95
N ASN A 221 0.78 1.01 12.09
CA ASN A 221 1.92 1.95 11.86
C ASN A 221 3.27 1.24 11.64
N GLY A 222 3.24 0.19 10.83
CA GLY A 222 4.47 -0.48 10.42
C GLY A 222 4.92 -1.58 11.35
N ALA A 223 4.16 -1.91 12.39
CA ALA A 223 4.67 -2.87 13.41
C ALA A 223 4.70 -4.34 12.93
N GLY A 224 3.90 -4.71 11.93
CA GLY A 224 3.78 -6.14 11.58
C GLY A 224 2.87 -6.90 12.56
N ASP A 225 3.19 -8.17 12.82
CA ASP A 225 2.32 -8.94 13.75
C ASP A 225 2.01 -8.12 15.01
N PRO A 226 0.73 -8.01 15.36
CA PRO A 226 0.39 -7.23 16.55
C PRO A 226 1.04 -7.67 17.85
N LEU A 227 1.35 -8.97 17.95
CA LEU A 227 1.90 -9.49 19.23
C LEU A 227 3.44 -9.42 19.38
N THR A 228 4.20 -9.13 18.31
CA THR A 228 5.68 -9.22 18.39
C THR A 228 6.37 -8.01 17.71
N PRO A 229 5.98 -6.79 18.03
CA PRO A 229 6.57 -5.62 17.33
C PRO A 229 8.08 -5.56 17.55
N GLY A 230 8.85 -5.43 16.44
CA GLY A 230 10.30 -5.37 16.52
C GLY A 230 11.09 -6.66 16.31
N TYR A 231 10.44 -7.83 16.48
CA TYR A 231 11.16 -9.12 16.44
C TYR A 231 10.32 -10.11 15.63
N PRO A 232 10.98 -11.08 14.95
CA PRO A 232 10.17 -12.04 14.17
C PRO A 232 9.33 -12.98 15.06
N ALA A 233 8.13 -13.31 14.56
CA ALA A 233 7.21 -14.18 15.27
C ALA A 233 7.61 -15.66 15.07
N ASN A 234 8.82 -15.99 15.54
CA ASN A 234 9.38 -17.34 15.35
C ASN A 234 8.88 -18.30 16.44
N GLU A 235 9.56 -19.46 16.55
N GLU A 235 9.42 -19.52 16.52
CA GLU A 235 9.17 -20.59 17.41
CA GLU A 235 8.82 -20.45 17.47
C GLU A 235 9.31 -20.33 18.90
C GLU A 235 9.02 -20.00 18.92
N TYR A 236 10.15 -19.37 19.24
CA TYR A 236 10.38 -19.05 20.65
C TYR A 236 9.98 -17.65 21.02
N ALA A 237 9.27 -16.94 20.14
CA ALA A 237 9.00 -15.56 20.40
C ALA A 237 8.17 -15.38 21.66
N TYR A 238 8.42 -14.28 22.37
CA TYR A 238 7.55 -13.88 23.49
C TYR A 238 6.50 -12.98 22.91
N ARG A 239 5.25 -13.27 23.18
CA ARG A 239 4.15 -12.54 22.58
C ARG A 239 3.52 -11.63 23.59
N ARG A 240 3.17 -10.42 23.18
CA ARG A 240 2.33 -9.60 24.07
C ARG A 240 0.99 -10.27 24.31
N GLY A 241 0.32 -9.91 25.43
CA GLY A 241 -1.08 -10.29 25.65
C GLY A 241 -1.93 -9.43 24.74
N ILE A 242 -3.15 -9.88 24.42
CA ILE A 242 -4.03 -9.15 23.49
C ILE A 242 -4.25 -7.73 23.94
N ALA A 243 -4.35 -7.53 25.25
CA ALA A 243 -4.58 -6.19 25.73
C ALA A 243 -3.43 -5.26 25.40
N GLU A 244 -2.22 -5.76 25.18
CA GLU A 244 -1.11 -4.86 24.85
C GLU A 244 -0.74 -4.95 23.34
N ALA A 245 -1.55 -5.66 22.57
CA ALA A 245 -1.27 -5.87 21.15
C ALA A 245 -1.26 -4.52 20.43
N VAL A 246 -0.48 -4.45 19.35
CA VAL A 246 -0.43 -3.21 18.60
C VAL A 246 -1.57 -3.13 17.59
N GLY A 247 -2.28 -2.00 17.65
CA GLY A 247 -3.11 -1.62 16.50
C GLY A 247 -4.54 -2.17 16.43
N LEU A 248 -4.97 -2.93 17.43
CA LEU A 248 -6.32 -3.53 17.36
C LEU A 248 -7.39 -2.48 17.65
N PRO A 249 -8.51 -2.57 16.95
CA PRO A 249 -9.61 -1.63 17.22
C PRO A 249 -10.33 -2.01 18.50
N SER A 250 -11.00 -1.06 19.13
CA SER A 250 -11.65 -1.36 20.39
C SER A 250 -13.17 -1.42 20.30
N ILE A 251 -13.71 -1.19 19.11
CA ILE A 251 -15.17 -1.26 18.86
C ILE A 251 -15.45 -2.15 17.66
N PRO A 252 -16.59 -2.82 17.62
CA PRO A 252 -16.90 -3.75 16.54
C PRO A 252 -17.12 -3.03 15.22
N VAL A 253 -16.75 -3.69 14.11
CA VAL A 253 -16.83 -3.08 12.80
C VAL A 253 -17.28 -4.16 11.81
N HIS A 254 -18.10 -3.78 10.81
CA HIS A 254 -18.52 -4.79 9.84
C HIS A 254 -18.84 -4.12 8.52
N PRO A 255 -18.47 -4.74 7.37
CA PRO A 255 -18.78 -4.10 6.08
C PRO A 255 -20.00 -4.71 5.40
N ILE A 256 -20.72 -3.88 4.62
CA ILE A 256 -21.91 -4.32 3.92
C ILE A 256 -21.95 -3.70 2.51
N GLY A 257 -22.85 -4.23 1.67
CA GLY A 257 -23.02 -3.71 0.32
C GLY A 257 -24.10 -2.67 0.28
N TYR A 258 -24.32 -2.10 -0.89
CA TYR A 258 -25.21 -0.96 -0.95
C TYR A 258 -26.70 -1.32 -0.93
N TYR A 259 -27.06 -2.56 -1.31
CA TYR A 259 -28.47 -2.96 -1.05
C TYR A 259 -28.80 -2.91 0.44
N ASP A 260 -27.92 -3.46 1.28
CA ASP A 260 -28.16 -3.43 2.73
C ASP A 260 -28.00 -2.03 3.31
N ALA A 261 -27.03 -1.27 2.79
CA ALA A 261 -26.80 0.10 3.28
C ALA A 261 -28.01 0.95 3.02
N GLN A 262 -28.62 0.78 1.86
CA GLN A 262 -29.81 1.59 1.56
C GLN A 262 -30.91 1.35 2.63
N LYS A 263 -31.08 0.10 3.05
CA LYS A 263 -32.04 -0.21 4.13
C LYS A 263 -31.69 0.45 5.48
N LEU A 264 -30.39 0.63 5.79
CA LEU A 264 -29.96 1.30 7.02
C LEU A 264 -30.02 2.82 6.90
N LEU A 265 -29.76 3.37 5.72
CA LEU A 265 -29.73 4.81 5.56
C LEU A 265 -31.10 5.43 5.33
N GLU A 266 -32.01 4.68 4.73
CA GLU A 266 -33.22 5.34 4.19
C GLU A 266 -34.09 5.93 5.30
N LYS A 267 -34.00 5.35 6.48
CA LYS A 267 -34.76 5.85 7.63
C LYS A 267 -34.08 6.97 8.42
N MET A 268 -32.85 7.33 8.05
CA MET A 268 -32.10 8.34 8.82
C MET A 268 -32.75 9.74 8.91
N GLY A 269 -32.74 10.29 10.12
CA GLY A 269 -33.30 11.62 10.39
C GLY A 269 -32.24 12.56 10.92
N GLY A 270 -32.62 13.37 11.92
CA GLY A 270 -31.69 14.38 12.47
C GLY A 270 -31.33 15.38 11.38
N SER A 271 -30.09 15.87 11.40
CA SER A 271 -29.63 16.92 10.49
C SER A 271 -29.47 16.50 9.04
N ALA A 272 -29.77 17.40 8.11
CA ALA A 272 -29.47 17.17 6.67
C ALA A 272 -27.95 17.01 6.45
N PRO A 273 -27.53 16.42 5.30
CA PRO A 273 -26.08 16.49 4.97
C PRO A 273 -25.64 17.95 4.86
N PRO A 274 -24.42 18.28 5.28
CA PRO A 274 -24.00 19.68 5.29
C PRO A 274 -23.83 20.24 3.90
N ASP A 275 -23.54 19.38 2.94
CA ASP A 275 -23.44 19.81 1.56
C ASP A 275 -23.37 18.60 0.64
N SER A 276 -23.27 18.86 -0.66
CA SER A 276 -23.37 17.78 -1.63
C SER A 276 -22.20 16.76 -1.56
N SER A 277 -21.01 17.17 -1.08
CA SER A 277 -19.88 16.24 -0.99
C SER A 277 -20.12 15.12 0.04
N TRP A 278 -21.21 15.24 0.80
CA TRP A 278 -21.65 14.23 1.77
C TRP A 278 -22.69 13.29 1.20
N ARG A 279 -23.23 13.61 0.02
CA ARG A 279 -24.26 12.78 -0.63
C ARG A 279 -23.66 11.78 -1.63
N GLY A 280 -23.94 10.49 -1.44
CA GLY A 280 -23.56 9.47 -2.44
C GLY A 280 -24.66 9.34 -3.48
N SER A 281 -24.78 8.15 -4.11
CA SER A 281 -25.73 7.95 -5.21
C SER A 281 -26.99 7.19 -4.88
N LEU A 282 -27.16 6.75 -3.65
CA LEU A 282 -28.37 5.99 -3.33
C LEU A 282 -29.55 6.98 -3.23
N LYS A 283 -30.75 6.44 -3.38
CA LYS A 283 -31.95 7.22 -3.29
C LYS A 283 -32.35 7.35 -1.84
N VAL A 284 -31.49 8.04 -1.07
CA VAL A 284 -31.74 8.34 0.33
C VAL A 284 -31.28 9.77 0.54
N PRO A 285 -31.72 10.41 1.64
CA PRO A 285 -31.38 11.82 1.92
C PRO A 285 -29.93 12.04 2.38
N TYR A 286 -29.28 10.99 2.87
CA TYR A 286 -27.93 11.12 3.46
C TYR A 286 -27.94 12.05 4.69
N ASN A 287 -29.02 11.94 5.48
CA ASN A 287 -29.12 12.70 6.72
C ASN A 287 -28.08 12.18 7.66
N VAL A 288 -27.54 13.09 8.45
CA VAL A 288 -26.45 12.72 9.32
C VAL A 288 -26.93 12.00 10.59
N GLY A 289 -28.21 12.17 10.93
CA GLY A 289 -28.71 11.63 12.20
C GLY A 289 -28.44 12.61 13.32
N PRO A 290 -28.27 12.11 14.54
CA PRO A 290 -28.30 10.70 14.94
C PRO A 290 -29.70 10.11 14.89
N GLY A 291 -29.79 8.81 14.65
CA GLY A 291 -31.09 8.13 14.72
C GLY A 291 -32.00 8.33 13.52
N PHE A 292 -33.18 7.71 13.60
CA PHE A 292 -34.12 7.61 12.49
C PHE A 292 -35.18 8.71 12.60
N THR A 293 -35.88 8.99 11.49
CA THR A 293 -36.97 9.99 11.52
C THR A 293 -38.16 9.56 12.40
N GLY A 294 -39.00 10.52 12.73
CA GLY A 294 -40.11 10.34 13.67
C GLY A 294 -40.75 8.98 13.89
N ASN A 295 -41.34 8.38 12.86
CA ASN A 295 -42.07 7.10 13.03
C ASN A 295 -41.19 5.96 13.47
N PHE A 296 -39.92 6.03 13.09
CA PHE A 296 -38.99 4.95 13.31
C PHE A 296 -38.03 5.28 14.41
N SER A 297 -38.29 6.40 15.09
CA SER A 297 -37.36 6.93 16.07
C SER A 297 -37.10 5.98 17.23
N THR A 298 -37.96 4.99 17.44
CA THR A 298 -37.70 4.02 18.52
C THR A 298 -37.01 2.75 18.04
N GLN A 299 -36.73 2.65 16.75
CA GLN A 299 -35.94 1.54 16.27
C GLN A 299 -34.47 1.88 16.49
N LYS A 300 -33.66 0.84 16.61
CA LYS A 300 -32.22 0.99 16.77
C LYS A 300 -31.53 0.07 15.79
N VAL A 301 -30.21 0.26 15.67
CA VAL A 301 -29.39 -0.65 14.89
C VAL A 301 -28.57 -1.50 15.85
N LYS A 302 -28.48 -2.78 15.55
CA LYS A 302 -27.73 -3.70 16.39
C LYS A 302 -26.73 -4.51 15.56
N MET A 303 -25.47 -4.48 15.98
CA MET A 303 -24.42 -5.31 15.34
C MET A 303 -24.25 -6.67 16.07
N HIS A 304 -23.85 -7.74 15.37
CA HIS A 304 -23.55 -8.99 16.05
C HIS A 304 -22.23 -9.44 15.46
N ILE A 305 -21.15 -9.21 16.18
CA ILE A 305 -19.83 -9.58 15.68
C ILE A 305 -19.21 -10.65 16.59
N HIS A 306 -18.80 -11.78 16.00
CA HIS A 306 -18.30 -12.93 16.76
C HIS A 306 -16.99 -13.52 16.23
N SER A 307 -16.30 -12.70 15.43
CA SER A 307 -14.99 -13.07 14.87
C SER A 307 -14.01 -13.29 16.01
N THR A 308 -12.98 -14.09 15.73
CA THR A 308 -11.95 -14.40 16.75
C THR A 308 -10.58 -14.16 16.18
N ASN A 309 -9.69 -13.63 16.99
CA ASN A 309 -8.31 -13.46 16.61
C ASN A 309 -7.58 -14.74 17.05
N GLU A 310 -6.67 -15.26 16.22
CA GLU A 310 -6.03 -16.53 16.54
C GLU A 310 -4.64 -16.53 15.99
N VAL A 311 -3.69 -16.93 16.82
CA VAL A 311 -2.32 -17.02 16.31
C VAL A 311 -2.29 -18.19 15.28
N THR A 312 -1.72 -17.96 14.10
CA THR A 312 -1.87 -18.89 12.99
C THR A 312 -0.58 -18.88 12.19
N ARG A 313 -0.18 -20.06 11.67
CA ARG A 313 1.10 -20.12 10.93
C ARG A 313 0.91 -19.57 9.49
N ILE A 314 1.88 -18.77 9.03
CA ILE A 314 1.88 -18.22 7.64
C ILE A 314 3.21 -18.60 7.01
N TYR A 315 3.27 -18.58 5.68
CA TYR A 315 4.48 -19.07 4.96
C TYR A 315 4.87 -18.13 3.82
N ASN A 316 6.07 -17.58 3.89
CA ASN A 316 6.60 -16.86 2.72
C ASN A 316 7.44 -17.80 1.87
N VAL A 317 7.42 -17.64 0.56
CA VAL A 317 8.37 -18.40 -0.25
C VAL A 317 9.50 -17.41 -0.62
N ILE A 318 10.76 -17.82 -0.42
CA ILE A 318 11.90 -16.97 -0.65
C ILE A 318 12.83 -17.69 -1.62
N GLY A 319 12.95 -17.11 -2.83
CA GLY A 319 13.81 -17.73 -3.88
C GLY A 319 15.06 -16.88 -4.07
N THR A 320 16.21 -17.51 -4.29
CA THR A 320 17.48 -16.77 -4.42
C THR A 320 18.11 -17.12 -5.75
N LEU A 321 18.58 -16.10 -6.44
CA LEU A 321 19.40 -16.29 -7.65
C LEU A 321 20.72 -15.59 -7.35
N ARG A 322 21.72 -16.38 -6.95
CA ARG A 322 22.99 -15.82 -6.47
C ARG A 322 23.74 -14.97 -7.50
N GLY A 323 24.23 -13.80 -7.08
CA GLY A 323 24.93 -12.91 -7.99
C GLY A 323 26.29 -13.46 -8.33
N ALA A 324 26.73 -13.16 -9.55
CA ALA A 324 28.06 -13.60 -10.02
C ALA A 324 29.20 -12.78 -9.45
N VAL A 325 28.98 -11.47 -9.27
CA VAL A 325 30.12 -10.59 -8.89
C VAL A 325 29.92 -10.02 -7.48
N GLU A 326 28.67 -9.61 -7.19
CA GLU A 326 28.30 -9.02 -5.89
C GLU A 326 27.17 -9.79 -5.24
N PRO A 327 27.46 -11.04 -4.83
CA PRO A 327 26.41 -11.87 -4.24
C PRO A 327 25.94 -11.32 -2.90
N ASP A 328 26.74 -10.48 -2.24
CA ASP A 328 26.26 -9.82 -1.01
C ASP A 328 25.52 -8.49 -1.25
N ARG A 329 24.88 -8.31 -2.42
CA ARG A 329 24.05 -7.14 -2.65
C ARG A 329 22.75 -7.73 -3.14
N TYR A 330 21.62 -7.31 -2.55
CA TYR A 330 20.33 -7.96 -2.84
C TYR A 330 19.41 -7.02 -3.51
N VAL A 331 18.84 -7.50 -4.61
CA VAL A 331 17.76 -6.78 -5.30
C VAL A 331 16.55 -7.69 -5.09
N ILE A 332 15.47 -7.15 -4.54
CA ILE A 332 14.36 -7.99 -4.10
C ILE A 332 13.14 -7.68 -4.96
N LEU A 333 12.51 -8.72 -5.50
CA LEU A 333 11.20 -8.56 -6.14
C LEU A 333 10.21 -9.36 -5.30
N GLY A 334 9.23 -8.66 -4.71
CA GLY A 334 8.34 -9.35 -3.78
C GLY A 334 6.89 -8.96 -3.99
N GLY A 335 5.99 -9.90 -3.77
CA GLY A 335 4.54 -9.50 -3.75
C GLY A 335 3.84 -10.62 -3.05
N HIS A 336 2.61 -10.36 -2.61
CA HIS A 336 1.95 -11.37 -1.76
C HIS A 336 1.14 -12.39 -2.57
N ARG A 337 0.80 -13.49 -1.88
CA ARG A 337 0.12 -14.64 -2.45
C ARG A 337 -1.25 -14.83 -1.81
N ASP A 338 -1.39 -14.41 -0.55
CA ASP A 338 -2.68 -14.62 0.16
C ASP A 338 -3.74 -13.68 -0.46
N SER A 339 -4.99 -14.13 -0.50
CA SER A 339 -6.04 -13.30 -1.09
C SER A 339 -7.23 -13.35 -0.11
N TRP A 340 -8.17 -12.43 -0.26
CA TRP A 340 -9.41 -12.50 0.54
C TRP A 340 -10.30 -13.63 0.06
N VAL A 341 -10.51 -13.71 -1.25
CA VAL A 341 -11.19 -14.89 -1.84
C VAL A 341 -10.34 -15.42 -3.01
N PHE A 342 -10.73 -15.20 -4.26
CA PHE A 342 -10.03 -15.82 -5.41
C PHE A 342 -8.87 -14.97 -5.86
N GLY A 343 -8.89 -13.68 -5.50
CA GLY A 343 -7.69 -12.84 -5.76
C GLY A 343 -7.36 -12.63 -7.24
N GLY A 344 -8.42 -12.56 -8.07
CA GLY A 344 -8.22 -12.44 -9.52
C GLY A 344 -7.37 -11.24 -9.88
N ILE A 345 -7.60 -10.09 -9.21
CA ILE A 345 -6.66 -8.98 -9.45
C ILE A 345 -5.67 -8.97 -8.28
N ASP A 346 -6.20 -8.92 -7.06
CA ASP A 346 -5.35 -8.68 -5.89
C ASP A 346 -5.25 -10.00 -5.11
N PRO A 347 -4.09 -10.68 -5.12
CA PRO A 347 -2.80 -10.27 -5.70
C PRO A 347 -2.44 -11.07 -6.92
N GLN A 348 -3.34 -11.95 -7.40
CA GLN A 348 -2.79 -12.98 -8.31
C GLN A 348 -2.39 -12.41 -9.67
N SER A 349 -2.94 -11.28 -10.07
CA SER A 349 -2.44 -10.67 -11.31
C SER A 349 -1.00 -10.18 -11.18
N GLY A 350 -0.59 -9.85 -9.95
CA GLY A 350 0.80 -9.49 -9.64
C GLY A 350 1.62 -10.78 -9.47
N ALA A 351 1.11 -11.75 -8.72
CA ALA A 351 1.88 -12.98 -8.51
C ALA A 351 2.14 -13.74 -9.80
N ALA A 352 1.20 -13.71 -10.76
CA ALA A 352 1.41 -14.39 -12.08
C ALA A 352 2.54 -13.73 -12.82
N VAL A 353 2.65 -12.41 -12.66
CA VAL A 353 3.71 -11.64 -13.31
C VAL A 353 5.07 -12.02 -12.66
N VAL A 354 5.08 -12.09 -11.32
CA VAL A 354 6.31 -12.49 -10.65
C VAL A 354 6.73 -13.88 -11.14
N HIS A 355 5.78 -14.80 -11.24
CA HIS A 355 6.04 -16.18 -11.62
C HIS A 355 6.69 -16.20 -12.99
N GLU A 356 6.14 -15.43 -13.92
CA GLU A 356 6.77 -15.38 -15.25
C GLU A 356 8.14 -14.69 -15.30
N ILE A 357 8.37 -13.69 -14.44
CA ILE A 357 9.70 -13.08 -14.28
C ILE A 357 10.70 -14.10 -13.79
N VAL A 358 10.33 -14.87 -12.77
CA VAL A 358 11.26 -15.92 -12.25
C VAL A 358 11.57 -16.91 -13.38
N ARG A 359 10.54 -17.32 -14.12
CA ARG A 359 10.70 -18.21 -15.26
C ARG A 359 11.72 -17.68 -16.28
N SER A 360 11.62 -16.40 -16.64
CA SER A 360 12.51 -15.80 -17.63
CA SER A 360 12.50 -15.82 -17.62
C SER A 360 13.95 -15.68 -17.10
N PHE A 361 14.14 -15.17 -15.86
CA PHE A 361 15.49 -15.15 -15.29
C PHE A 361 16.05 -16.56 -15.22
N GLY A 362 15.22 -17.55 -14.91
CA GLY A 362 15.64 -18.93 -14.79
C GLY A 362 16.04 -19.51 -16.16
N THR A 363 15.40 -19.09 -17.23
CA THR A 363 15.79 -19.53 -18.58
C THR A 363 17.22 -19.06 -18.87
N LEU A 364 17.54 -17.80 -18.54
CA LEU A 364 18.88 -17.26 -18.80
C LEU A 364 19.88 -18.00 -17.93
N LYS A 365 19.51 -18.25 -16.68
CA LYS A 365 20.36 -18.94 -15.76
C LYS A 365 20.71 -20.31 -16.29
N LYS A 366 19.75 -21.02 -16.87
CA LYS A 366 20.03 -22.35 -17.45
C LYS A 366 21.00 -22.32 -18.61
N GLU A 367 21.10 -21.17 -19.27
CA GLU A 367 22.03 -20.97 -20.39
C GLU A 367 23.40 -20.48 -19.94
N GLY A 368 23.59 -20.36 -18.64
CA GLY A 368 24.91 -20.04 -18.09
C GLY A 368 25.01 -18.64 -17.54
N TRP A 369 23.92 -17.88 -17.55
CA TRP A 369 24.01 -16.49 -17.14
C TRP A 369 23.72 -16.39 -15.64
N ARG A 370 24.32 -15.39 -15.02
CA ARG A 370 23.88 -14.97 -13.67
C ARG A 370 23.89 -13.48 -13.62
N PRO A 371 22.99 -12.92 -12.80
CA PRO A 371 23.06 -11.47 -12.66
C PRO A 371 24.31 -11.06 -11.88
N ARG A 372 24.69 -9.80 -11.99
CA ARG A 372 25.85 -9.30 -11.26
C ARG A 372 25.62 -9.39 -9.71
N ARG A 373 24.46 -8.91 -9.27
CA ARG A 373 24.05 -8.92 -7.81
C ARG A 373 23.03 -10.03 -7.60
N THR A 374 22.85 -10.44 -6.37
CA THR A 374 21.85 -11.43 -6.00
C THR A 374 20.44 -10.84 -6.21
N ILE A 375 19.56 -11.66 -6.77
CA ILE A 375 18.13 -11.32 -6.81
C ILE A 375 17.41 -12.28 -5.88
N LEU A 376 16.59 -11.68 -5.01
CA LEU A 376 15.71 -12.45 -4.11
C LEU A 376 14.29 -12.26 -4.63
N PHE A 377 13.54 -13.35 -4.68
CA PHE A 377 12.12 -13.29 -5.12
C PHE A 377 11.29 -13.77 -3.94
N ALA A 378 10.19 -13.05 -3.66
CA ALA A 378 9.39 -13.39 -2.47
C ALA A 378 7.91 -13.49 -2.81
N SER A 379 7.25 -14.53 -2.28
CA SER A 379 5.81 -14.69 -2.34
C SER A 379 5.37 -14.53 -0.89
N TRP A 380 4.94 -13.33 -0.53
CA TRP A 380 4.64 -13.06 0.88
C TRP A 380 3.26 -13.58 1.26
N ASP A 381 3.14 -13.92 2.57
CA ASP A 381 1.85 -14.38 3.07
C ASP A 381 1.26 -13.26 3.97
N ALA A 382 -0.05 -13.37 4.25
CA ALA A 382 -0.73 -12.52 5.22
C ALA A 382 -0.57 -11.03 4.98
N GLU A 383 -0.42 -10.66 3.70
CA GLU A 383 -0.33 -9.21 3.38
C GLU A 383 -1.70 -8.61 3.74
N GLU A 384 -2.76 -9.35 3.48
CA GLU A 384 -4.10 -8.77 3.69
C GLU A 384 -4.43 -8.51 5.16
N PHE A 385 -3.70 -9.14 6.06
CA PHE A 385 -3.96 -8.96 7.48
C PHE A 385 -2.99 -7.98 8.14
N GLY A 386 -2.32 -7.18 7.31
CA GLY A 386 -1.45 -6.10 7.85
C GLY A 386 0.01 -6.22 7.45
N LEU A 387 0.26 -6.74 6.25
CA LEU A 387 1.66 -6.78 5.75
C LEU A 387 2.50 -7.71 6.66
N LEU A 388 1.87 -8.79 7.13
CA LEU A 388 2.53 -9.51 8.26
C LEU A 388 3.71 -10.33 7.77
N GLY A 389 3.57 -11.02 6.66
CA GLY A 389 4.61 -11.94 6.13
C GLY A 389 5.86 -11.15 5.76
N SER A 390 5.73 -10.06 5.01
CA SER A 390 6.94 -9.33 4.58
C SER A 390 7.58 -8.68 5.82
N THR A 391 6.73 -8.18 6.74
CA THR A 391 7.30 -7.47 7.93
C THR A 391 8.02 -8.42 8.86
N GLU A 392 7.44 -9.58 9.10
CA GLU A 392 8.13 -10.56 10.02
C GLU A 392 9.45 -11.01 9.37
N TRP A 393 9.46 -11.25 8.05
CA TRP A 393 10.70 -11.71 7.38
C TRP A 393 11.74 -10.57 7.44
N ALA A 394 11.30 -9.33 7.19
CA ALA A 394 12.23 -8.23 7.31
C ALA A 394 12.76 -8.06 8.74
N GLU A 395 11.89 -8.20 9.75
CA GLU A 395 12.37 -8.18 11.16
C GLU A 395 13.42 -9.26 11.40
N GLU A 396 13.19 -10.45 10.85
CA GLU A 396 14.13 -11.52 11.07
C GLU A 396 15.51 -11.17 10.42
N ASN A 397 15.41 -10.60 9.22
CA ASN A 397 16.61 -10.45 8.34
C ASN A 397 17.12 -9.00 8.30
N SER A 398 16.70 -8.16 9.26
CA SER A 398 16.93 -6.72 9.15
C SER A 398 18.39 -6.37 9.03
N ARG A 399 19.28 -7.10 9.72
CA ARG A 399 20.72 -6.78 9.62
C ARG A 399 21.31 -7.08 8.22
N LEU A 400 20.86 -8.17 7.60
CA LEU A 400 21.31 -8.48 6.24
C LEU A 400 20.75 -7.38 5.30
N LEU A 401 19.50 -7.02 5.49
CA LEU A 401 18.86 -6.10 4.53
C LEU A 401 19.43 -4.70 4.65
N GLN A 402 19.66 -4.21 5.85
N GLN A 402 19.69 -4.28 5.90
CA GLN A 402 20.11 -2.85 5.89
CA GLN A 402 20.28 -3.00 6.31
C GLN A 402 21.59 -2.73 5.41
C GLN A 402 21.60 -2.73 5.60
N GLU A 403 22.43 -3.77 5.54
CA GLU A 403 23.81 -3.63 5.07
C GLU A 403 23.97 -4.10 3.59
N ARG A 404 22.97 -4.83 3.05
CA ARG A 404 23.12 -5.46 1.73
C ARG A 404 22.00 -5.11 0.75
N GLY A 405 20.92 -4.50 1.23
CA GLY A 405 19.75 -4.33 0.39
C GLY A 405 19.90 -3.17 -0.57
N VAL A 406 19.87 -3.47 -1.86
CA VAL A 406 20.00 -2.44 -2.85
C VAL A 406 18.65 -1.78 -3.15
N ALA A 407 17.64 -2.62 -3.41
CA ALA A 407 16.34 -2.10 -3.78
C ALA A 407 15.27 -3.16 -3.59
N TYR A 408 14.03 -2.68 -3.48
CA TYR A 408 12.88 -3.57 -3.33
C TYR A 408 11.88 -3.10 -4.42
N ILE A 409 11.42 -4.01 -5.24
CA ILE A 409 10.34 -3.74 -6.22
C ILE A 409 9.12 -4.59 -5.80
N ASN A 410 8.01 -3.91 -5.53
CA ASN A 410 6.83 -4.66 -5.12
C ASN A 410 6.09 -5.24 -6.35
N ALA A 411 5.21 -6.22 -6.11
CA ALA A 411 4.48 -6.83 -7.24
C ALA A 411 3.13 -7.35 -6.74
N ASP A 412 2.29 -6.44 -6.25
CA ASP A 412 0.88 -6.76 -6.00
C ASP A 412 0.17 -6.52 -7.34
N SER A 413 -1.13 -6.23 -7.31
CA SER A 413 -1.96 -6.25 -8.53
C SER A 413 -1.25 -5.59 -9.72
N SER A 414 -1.23 -6.27 -10.85
CA SER A 414 -0.63 -5.67 -12.06
C SER A 414 -1.53 -4.68 -12.76
N ILE A 415 -2.81 -4.72 -12.48
CA ILE A 415 -3.77 -3.88 -13.20
C ILE A 415 -4.82 -3.38 -12.20
N GLU A 416 -5.27 -2.15 -12.37
CA GLU A 416 -6.47 -1.71 -11.65
C GLU A 416 -7.29 -0.89 -12.66
N GLY A 417 -6.91 -0.99 -13.94
CA GLY A 417 -7.55 -0.30 -15.05
C GLY A 417 -6.77 -0.67 -16.31
N ASN A 418 -7.14 -0.09 -17.43
CA ASN A 418 -6.46 -0.45 -18.66
C ASN A 418 -6.11 0.80 -19.46
N TYR A 419 -5.90 1.90 -18.77
CA TYR A 419 -5.73 3.20 -19.44
C TYR A 419 -4.26 3.55 -19.61
N THR A 420 -3.47 3.50 -18.53
CA THR A 420 -2.08 3.91 -18.67
C THR A 420 -1.25 3.36 -17.50
N LEU A 421 0.07 3.53 -17.61
CA LEU A 421 0.97 3.13 -16.51
C LEU A 421 0.83 4.01 -15.27
N ARG A 422 1.12 3.42 -14.11
CA ARG A 422 1.19 4.11 -12.85
C ARG A 422 2.50 3.62 -12.19
N VAL A 423 3.34 4.55 -11.77
CA VAL A 423 4.55 4.17 -11.00
C VAL A 423 4.59 5.01 -9.70
N ASP A 424 4.92 4.39 -8.56
CA ASP A 424 5.19 5.14 -7.32
C ASP A 424 6.58 4.60 -6.91
N CYS A 425 7.51 5.48 -6.58
CA CYS A 425 8.83 5.03 -6.21
C CYS A 425 9.62 6.14 -5.58
N THR A 426 10.71 5.77 -4.96
CA THR A 426 11.68 6.77 -4.53
C THR A 426 12.26 7.60 -5.69
N PRO A 427 12.55 8.89 -5.44
CA PRO A 427 13.17 9.72 -6.49
C PRO A 427 14.43 9.05 -7.04
N LEU A 428 15.14 8.23 -6.24
CA LEU A 428 16.38 7.63 -6.78
C LEU A 428 16.11 6.75 -8.00
N MET A 429 14.86 6.31 -8.22
CA MET A 429 14.57 5.42 -9.35
C MET A 429 13.89 6.17 -10.48
N TYR A 430 13.72 7.49 -10.36
CA TYR A 430 12.97 8.17 -11.46
C TYR A 430 13.66 8.02 -12.80
N SER A 431 14.98 8.24 -12.84
CA SER A 431 15.74 8.19 -14.13
C SER A 431 15.73 6.80 -14.70
N LEU A 432 15.91 5.80 -13.83
CA LEU A 432 15.81 4.40 -14.28
C LEU A 432 14.44 4.15 -14.95
N VAL A 433 13.37 4.57 -14.31
CA VAL A 433 12.02 4.35 -14.86
C VAL A 433 11.83 5.08 -16.19
N HIS A 434 12.26 6.35 -16.25
CA HIS A 434 12.16 7.09 -17.53
C HIS A 434 12.92 6.34 -18.63
N ASN A 435 14.16 5.93 -18.33
CA ASN A 435 14.98 5.28 -19.36
C ASN A 435 14.41 3.96 -19.80
N LEU A 436 13.93 3.17 -18.86
CA LEU A 436 13.38 1.84 -19.20
C LEU A 436 12.13 1.96 -20.04
N THR A 437 11.22 2.84 -19.63
CA THR A 437 9.94 3.01 -20.36
C THR A 437 10.14 3.55 -21.76
N LYS A 438 11.24 4.25 -22.00
CA LYS A 438 11.52 4.72 -23.39
C LYS A 438 11.95 3.58 -24.29
N GLU A 439 12.40 2.48 -23.71
CA GLU A 439 12.86 1.32 -24.46
C GLU A 439 11.77 0.30 -24.59
N LEU A 440 10.63 0.48 -23.92
CA LEU A 440 9.54 -0.50 -24.00
C LEU A 440 8.45 -0.03 -24.93
N LYS A 441 7.75 -1.00 -25.49
CA LYS A 441 6.67 -0.73 -26.50
C LYS A 441 5.38 -0.35 -25.78
N SER A 442 4.66 0.67 -26.26
CA SER A 442 3.36 0.94 -25.63
C SER A 442 2.34 -0.14 -25.99
N PRO A 443 1.55 -0.62 -25.02
CA PRO A 443 0.55 -1.59 -25.46
C PRO A 443 -0.77 -0.92 -25.84
N ASP A 444 -0.82 0.42 -25.79
CA ASP A 444 -2.07 1.15 -25.86
C ASP A 444 -2.52 1.27 -27.31
N GLU A 445 -3.84 1.23 -27.49
CA GLU A 445 -4.44 1.53 -28.80
C GLU A 445 -4.18 2.97 -29.18
N GLY A 446 -3.76 3.19 -30.43
CA GLY A 446 -3.44 4.53 -30.84
C GLY A 446 -1.96 4.82 -30.69
N PHE A 447 -1.23 3.99 -29.94
CA PHE A 447 0.21 4.24 -29.77
C PHE A 447 1.03 3.10 -30.29
N GLU A 448 0.50 2.34 -31.24
CA GLU A 448 1.28 1.23 -31.75
C GLU A 448 2.53 1.77 -32.43
N GLY A 449 3.67 1.15 -32.12
CA GLY A 449 4.94 1.69 -32.62
C GLY A 449 5.56 2.78 -31.76
N LYS A 450 4.86 3.22 -30.70
CA LYS A 450 5.38 4.25 -29.85
C LYS A 450 5.86 3.63 -28.55
N SER A 451 6.72 4.35 -27.84
CA SER A 451 7.31 3.84 -26.59
C SER A 451 6.25 3.90 -25.50
N LEU A 452 6.43 3.10 -24.45
CA LEU A 452 5.58 3.20 -23.28
C LEU A 452 5.77 4.59 -22.65
N TYR A 453 7.00 5.13 -22.66
CA TYR A 453 7.21 6.44 -22.09
C TYR A 453 6.31 7.47 -22.79
N GLU A 454 6.20 7.38 -24.10
CA GLU A 454 5.42 8.36 -24.85
C GLU A 454 3.92 8.31 -24.47
N SER A 455 3.37 7.09 -24.41
CA SER A 455 1.94 6.95 -24.11
C SER A 455 1.65 7.30 -22.66
N TRP A 456 2.51 6.86 -21.77
CA TRP A 456 2.36 7.19 -20.36
C TRP A 456 2.42 8.71 -20.12
N THR A 457 3.38 9.39 -20.77
CA THR A 457 3.57 10.81 -20.56
C THR A 457 2.38 11.59 -21.12
N LYS A 458 1.91 11.17 -22.28
CA LYS A 458 0.76 11.79 -22.89
C LYS A 458 -0.48 11.62 -21.99
N LYS A 459 -0.73 10.41 -21.49
CA LYS A 459 -1.94 10.13 -20.68
C LYS A 459 -1.89 10.57 -19.22
N SER A 460 -0.69 10.67 -18.64
CA SER A 460 -0.52 10.97 -17.23
C SER A 460 0.61 11.97 -17.01
N PRO A 461 0.42 13.22 -17.52
CA PRO A 461 1.48 14.21 -17.42
C PRO A 461 1.82 14.53 -15.98
N SER A 462 3.09 14.81 -15.70
CA SER A 462 3.37 15.23 -14.33
C SER A 462 2.92 16.65 -14.24
N PRO A 463 2.44 17.05 -13.06
CA PRO A 463 2.09 18.43 -12.74
C PRO A 463 3.29 19.41 -12.92
N GLU A 464 4.49 18.90 -12.64
CA GLU A 464 5.70 19.72 -12.60
C GLU A 464 6.33 20.01 -13.96
N PHE A 465 6.41 19.05 -14.87
CA PHE A 465 7.17 19.29 -16.11
C PHE A 465 6.53 18.66 -17.30
N SER A 466 6.07 19.46 -18.24
CA SER A 466 5.58 18.89 -19.49
C SER A 466 6.71 18.04 -20.11
N GLY A 467 6.30 17.04 -20.89
CA GLY A 467 7.23 16.13 -21.54
C GLY A 467 7.74 15.08 -20.56
N MET A 468 7.28 15.17 -19.31
CA MET A 468 7.49 14.13 -18.23
C MET A 468 6.19 13.49 -17.66
N PRO A 469 6.26 12.21 -17.25
CA PRO A 469 5.09 11.55 -16.69
C PRO A 469 4.99 11.71 -15.19
N ARG A 470 3.79 11.50 -14.64
CA ARG A 470 3.62 11.54 -13.21
C ARG A 470 4.24 10.30 -12.59
N ILE A 471 5.00 10.50 -11.53
CA ILE A 471 5.42 9.39 -10.67
C ILE A 471 5.10 9.76 -9.22
N SER A 472 4.32 8.96 -8.51
CA SER A 472 3.81 9.32 -7.19
C SER A 472 4.81 8.90 -6.10
N LYS A 473 4.57 9.42 -4.91
CA LYS A 473 5.45 9.02 -3.82
C LYS A 473 4.86 7.72 -3.28
N LEU A 474 5.66 6.96 -2.58
CA LEU A 474 5.18 5.73 -1.99
C LEU A 474 4.42 6.13 -0.77
N GLY A 475 3.22 5.57 -0.52
CA GLY A 475 2.76 5.63 0.87
C GLY A 475 2.90 4.33 1.61
N SER A 476 1.74 3.70 1.89
CA SER A 476 1.83 2.36 2.48
C SER A 476 0.61 1.55 2.07
N GLY A 477 0.24 0.53 2.87
CA GLY A 477 -0.87 -0.35 2.46
C GLY A 477 -0.34 -1.44 1.48
N ASN A 478 0.97 -1.67 1.47
CA ASN A 478 1.51 -2.83 0.74
C ASN A 478 2.88 -3.23 1.23
N ASP A 479 3.44 -4.32 0.68
CA ASP A 479 4.58 -5.00 1.37
C ASP A 479 5.91 -4.29 1.24
N PHE A 480 5.97 -3.23 0.45
CA PHE A 480 7.22 -2.40 0.47
C PHE A 480 7.37 -1.58 1.75
N GLU A 481 6.34 -1.50 2.60
CA GLU A 481 6.37 -0.59 3.74
C GLU A 481 7.58 -0.85 4.64
N VAL A 482 7.81 -2.11 5.03
CA VAL A 482 8.91 -2.35 6.00
C VAL A 482 10.25 -2.00 5.34
N PHE A 483 10.38 -2.34 4.04
CA PHE A 483 11.67 -2.09 3.35
C PHE A 483 11.95 -0.61 3.21
N PHE A 484 10.94 0.17 2.86
CA PHE A 484 11.18 1.60 2.57
C PHE A 484 11.11 2.44 3.85
N GLN A 485 9.97 2.40 4.52
CA GLN A 485 9.78 3.34 5.65
C GLN A 485 10.49 2.90 6.96
N ARG A 486 10.66 1.59 7.18
CA ARG A 486 11.41 1.17 8.39
C ARG A 486 12.88 1.09 8.09
N LEU A 487 13.25 0.37 7.02
CA LEU A 487 14.66 0.07 6.75
C LEU A 487 15.42 1.03 5.82
N GLY A 488 14.70 1.85 5.02
CA GLY A 488 15.40 2.80 4.18
C GLY A 488 16.04 2.15 2.98
N ILE A 489 15.37 1.16 2.39
CA ILE A 489 15.84 0.53 1.13
C ILE A 489 15.01 1.14 -0.04
N ALA A 490 15.73 1.63 -1.06
CA ALA A 490 15.06 2.26 -2.23
C ALA A 490 13.97 1.32 -2.75
N SER A 491 12.72 1.81 -2.93
CA SER A 491 11.62 0.90 -3.27
C SER A 491 10.80 1.51 -4.38
N GLY A 492 10.10 0.64 -5.12
CA GLY A 492 9.20 1.12 -6.18
C GLY A 492 8.11 0.11 -6.51
N ARG A 493 7.11 0.56 -7.27
CA ARG A 493 6.02 -0.31 -7.67
C ARG A 493 5.46 0.28 -8.97
N ALA A 494 4.80 -0.55 -9.76
CA ALA A 494 4.23 -0.07 -11.04
C ALA A 494 3.07 -0.97 -11.39
N ARG A 495 2.06 -0.42 -12.08
CA ARG A 495 0.93 -1.26 -12.50
C ARG A 495 0.22 -0.47 -13.56
N TYR A 496 -0.72 -1.11 -14.24
CA TYR A 496 -1.62 -0.38 -15.14
C TYR A 496 -2.81 0.14 -14.35
N THR A 497 -3.30 1.32 -14.75
CA THR A 497 -4.33 1.99 -13.94
C THR A 497 -5.39 2.62 -14.86
N LYS A 498 -6.41 3.22 -14.24
CA LYS A 498 -7.53 3.83 -14.96
C LYS A 498 -7.21 5.27 -15.31
N ASN A 499 -8.10 5.90 -16.08
CA ASN A 499 -8.01 7.32 -16.33
C ASN A 499 -8.59 8.03 -15.14
N TRP A 500 -7.75 8.68 -14.36
CA TRP A 500 -8.19 9.32 -13.13
C TRP A 500 -9.06 10.56 -13.33
N GLU A 501 -9.07 11.17 -14.52
CA GLU A 501 -9.85 12.39 -14.67
C GLU A 501 -11.31 12.04 -14.92
N THR A 502 -11.54 11.10 -15.83
CA THR A 502 -12.91 10.73 -16.15
C THR A 502 -13.49 9.75 -15.12
N ASN A 503 -12.64 9.23 -14.22
CA ASN A 503 -13.06 8.23 -13.24
C ASN A 503 -12.96 8.69 -11.80
N LYS A 504 -14.13 8.87 -11.21
CA LYS A 504 -14.31 9.33 -9.83
C LYS A 504 -14.44 8.20 -8.75
N PHE A 505 -14.64 6.95 -9.19
CA PHE A 505 -14.63 5.81 -8.26
C PHE A 505 -13.22 5.58 -7.62
N SER A 506 -13.17 4.84 -6.49
CA SER A 506 -11.86 4.55 -5.85
C SER A 506 -11.31 3.12 -6.08
N GLY A 507 -9.99 3.03 -6.19
CA GLY A 507 -9.32 1.79 -6.64
C GLY A 507 -10.07 1.24 -7.84
N TYR A 508 -10.48 -0.04 -7.78
CA TYR A 508 -11.38 -0.62 -8.80
C TYR A 508 -12.66 -1.14 -8.08
N PRO A 509 -13.82 -1.14 -8.76
CA PRO A 509 -15.06 -1.46 -8.03
C PRO A 509 -15.11 -2.79 -7.28
N LEU A 510 -14.49 -3.86 -7.79
CA LEU A 510 -14.70 -5.20 -7.20
C LEU A 510 -13.60 -5.56 -6.20
N TYR A 511 -12.84 -4.54 -5.81
CA TYR A 511 -11.74 -4.69 -4.84
C TYR A 511 -12.17 -5.47 -3.61
N HIS A 512 -11.46 -6.57 -3.29
CA HIS A 512 -11.69 -7.35 -2.04
C HIS A 512 -13.07 -8.01 -1.93
N SER A 513 -13.72 -8.16 -3.10
CA SER A 513 -15.00 -8.87 -3.17
C SER A 513 -14.86 -10.28 -3.77
N VAL A 514 -15.87 -11.12 -3.55
CA VAL A 514 -15.85 -12.48 -4.09
C VAL A 514 -15.83 -12.40 -5.65
N TYR A 515 -16.20 -11.23 -6.22
CA TYR A 515 -16.30 -11.13 -7.69
C TYR A 515 -14.96 -10.89 -8.39
N GLU A 516 -13.87 -10.69 -7.60
CA GLU A 516 -12.56 -10.53 -8.21
C GLU A 516 -12.05 -11.89 -8.66
N THR A 517 -12.29 -12.27 -9.92
CA THR A 517 -12.04 -13.62 -10.39
C THR A 517 -11.11 -13.58 -11.61
N TYR A 518 -10.64 -14.76 -12.04
CA TYR A 518 -9.98 -14.88 -13.35
C TYR A 518 -10.88 -14.28 -14.50
N GLU A 519 -12.18 -14.56 -14.46
CA GLU A 519 -13.07 -14.12 -15.55
C GLU A 519 -13.16 -12.61 -15.58
N LEU A 520 -13.14 -11.99 -14.40
CA LEU A 520 -13.12 -10.53 -14.36
C LEU A 520 -11.97 -9.97 -15.20
N VAL A 521 -10.78 -10.50 -14.98
CA VAL A 521 -9.60 -10.00 -15.67
C VAL A 521 -9.62 -10.32 -17.19
N GLU A 522 -9.85 -11.59 -17.49
CA GLU A 522 -9.83 -12.09 -18.85
C GLU A 522 -10.94 -11.48 -19.70
N LYS A 523 -12.11 -11.22 -19.10
CA LYS A 523 -13.19 -10.70 -19.91
C LYS A 523 -13.16 -9.19 -20.00
N PHE A 524 -12.84 -8.51 -18.90
CA PHE A 524 -13.08 -7.05 -18.84
C PHE A 524 -11.83 -6.23 -18.74
N TYR A 525 -10.76 -6.74 -18.14
CA TYR A 525 -9.63 -5.87 -17.96
C TYR A 525 -8.56 -6.05 -19.01
N ASP A 526 -8.21 -7.30 -19.31
CA ASP A 526 -6.99 -7.49 -20.15
C ASP A 526 -7.05 -8.80 -20.91
N PRO A 527 -7.99 -8.91 -21.86
CA PRO A 527 -8.22 -10.19 -22.53
C PRO A 527 -6.98 -10.74 -23.22
N MET A 528 -6.13 -9.88 -23.77
N MET A 528 -6.14 -9.85 -23.76
CA MET A 528 -4.92 -10.35 -24.45
CA MET A 528 -4.92 -10.25 -24.46
C MET A 528 -3.73 -10.48 -23.49
C MET A 528 -3.71 -10.31 -23.53
N PHE A 529 -3.90 -10.03 -22.25
CA PHE A 529 -2.77 -10.04 -21.30
C PHE A 529 -1.59 -9.16 -21.69
N LYS A 530 -1.89 -8.17 -22.53
CA LYS A 530 -0.88 -7.24 -23.00
C LYS A 530 -0.55 -6.20 -21.92
N TYR A 531 -1.49 -5.80 -21.07
CA TYR A 531 -1.13 -4.85 -20.04
C TYR A 531 -0.33 -5.59 -18.97
N HIS A 532 -0.73 -6.82 -18.65
CA HIS A 532 0.12 -7.66 -17.76
C HIS A 532 1.55 -7.83 -18.28
N LEU A 533 1.67 -8.09 -19.58
CA LEU A 533 2.98 -8.26 -20.14
C LEU A 533 3.80 -6.99 -19.98
N THR A 534 3.20 -5.83 -20.28
CA THR A 534 3.90 -4.56 -20.14
C THR A 534 4.33 -4.35 -18.69
N VAL A 535 3.46 -4.68 -17.75
CA VAL A 535 3.85 -4.55 -16.34
C VAL A 535 4.97 -5.50 -15.96
N ALA A 536 4.96 -6.71 -16.49
CA ALA A 536 6.06 -7.62 -16.27
C ALA A 536 7.38 -7.05 -16.82
N GLN A 537 7.35 -6.47 -18.02
CA GLN A 537 8.52 -5.78 -18.59
C GLN A 537 9.04 -4.63 -17.73
N VAL A 538 8.13 -3.86 -17.14
CA VAL A 538 8.57 -2.73 -16.31
C VAL A 538 9.15 -3.30 -15.02
N ARG A 539 8.41 -4.14 -14.32
CA ARG A 539 8.93 -4.62 -13.00
C ARG A 539 10.20 -5.42 -13.21
N GLY A 540 10.12 -6.33 -14.14
CA GLY A 540 11.26 -7.19 -14.47
C GLY A 540 12.46 -6.41 -15.02
N GLY A 541 12.20 -5.44 -15.90
CA GLY A 541 13.24 -4.57 -16.41
C GLY A 541 13.94 -3.80 -15.30
N MET A 542 13.18 -3.29 -14.32
CA MET A 542 13.76 -2.58 -13.19
C MET A 542 14.65 -3.51 -12.39
N VAL A 543 14.15 -4.70 -12.07
CA VAL A 543 14.94 -5.66 -11.31
C VAL A 543 16.23 -5.99 -12.11
N PHE A 544 16.10 -6.20 -13.44
CA PHE A 544 17.26 -6.56 -14.25
C PHE A 544 18.33 -5.46 -14.18
N GLU A 545 17.94 -4.20 -14.39
CA GLU A 545 18.88 -3.07 -14.32
C GLU A 545 19.50 -2.93 -12.93
N LEU A 546 18.68 -3.01 -11.89
CA LEU A 546 19.23 -2.88 -10.53
C LEU A 546 20.19 -4.00 -10.24
N ALA A 547 19.93 -5.19 -10.80
CA ALA A 547 20.76 -6.35 -10.39
C ALA A 547 21.97 -6.50 -11.31
N ASN A 548 21.95 -5.82 -12.45
CA ASN A 548 23.01 -5.98 -13.47
C ASN A 548 23.85 -4.82 -13.88
N SER A 549 23.35 -3.59 -13.72
N SER A 549 23.36 -3.59 -13.69
CA SER A 549 24.11 -2.38 -14.08
CA SER A 549 24.13 -2.39 -14.08
C SER A 549 25.40 -2.35 -13.28
C SER A 549 25.38 -2.26 -13.24
N ILE A 550 26.50 -1.96 -13.92
CA ILE A 550 27.75 -1.85 -13.20
C ILE A 550 27.69 -0.80 -12.09
N VAL A 551 27.21 0.38 -12.47
CA VAL A 551 26.95 1.42 -11.51
C VAL A 551 25.46 1.30 -11.20
N LEU A 552 25.11 1.33 -9.91
CA LEU A 552 23.66 1.26 -9.54
C LEU A 552 22.89 2.38 -10.30
N PRO A 553 21.70 2.07 -10.78
CA PRO A 553 20.99 3.04 -11.63
C PRO A 553 20.12 4.02 -10.81
N PHE A 554 20.77 4.70 -9.87
CA PHE A 554 20.11 5.68 -9.00
C PHE A 554 20.69 7.05 -9.33
N ASP A 555 19.83 8.06 -9.43
CA ASP A 555 20.34 9.43 -9.65
C ASP A 555 20.03 10.33 -8.44
N CYS A 556 21.07 10.59 -7.63
CA CYS A 556 20.86 11.41 -6.42
C CYS A 556 20.36 12.83 -6.73
N ARG A 557 20.63 13.34 -7.92
CA ARG A 557 20.19 14.69 -8.27
C ARG A 557 18.64 14.79 -8.33
N ASP A 558 17.98 13.67 -8.61
CA ASP A 558 16.51 13.66 -8.61
C ASP A 558 15.96 13.84 -7.16
N TYR A 559 16.66 13.31 -6.15
CA TYR A 559 16.22 13.49 -4.78
C TYR A 559 16.36 14.97 -4.47
N ALA A 560 17.44 15.62 -4.95
CA ALA A 560 17.66 17.06 -4.64
C ALA A 560 16.48 17.93 -5.15
N VAL A 561 16.02 17.64 -6.35
CA VAL A 561 14.92 18.37 -6.97
C VAL A 561 13.64 18.17 -6.12
N VAL A 562 13.34 16.93 -5.73
CA VAL A 562 12.10 16.73 -4.96
C VAL A 562 12.19 17.33 -3.56
N LEU A 563 13.39 17.26 -2.96
CA LEU A 563 13.52 17.76 -1.58
C LEU A 563 13.19 19.25 -1.61
N ARG A 564 13.60 19.96 -2.65
CA ARG A 564 13.29 21.40 -2.75
C ARG A 564 11.77 21.62 -2.88
N LYS A 565 11.12 20.84 -3.73
CA LYS A 565 9.68 20.87 -3.85
C LYS A 565 8.97 20.63 -2.49
N TYR A 566 9.43 19.60 -1.75
CA TYR A 566 8.78 19.30 -0.46
C TYR A 566 9.08 20.41 0.57
N ALA A 567 10.28 20.97 0.56
CA ALA A 567 10.59 22.06 1.47
C ALA A 567 9.69 23.26 1.15
N ASP A 568 9.54 23.60 -0.15
CA ASP A 568 8.60 24.68 -0.52
C ASP A 568 7.15 24.41 0.02
N LYS A 569 6.69 23.18 -0.14
CA LYS A 569 5.37 22.81 0.25
C LYS A 569 5.18 22.96 1.76
N ILE A 570 6.10 22.41 2.55
CA ILE A 570 5.87 22.49 4.02
C ILE A 570 6.05 23.95 4.54
N TYR A 571 6.99 24.71 3.96
CA TYR A 571 7.11 26.12 4.27
C TYR A 571 5.76 26.84 3.97
N SER A 572 5.13 26.52 2.83
CA SER A 572 3.85 27.17 2.47
C SER A 572 2.73 26.83 3.45
N ILE A 573 2.72 25.61 4.00
CA ILE A 573 1.73 25.27 5.00
C ILE A 573 1.95 26.12 6.23
N SER A 574 3.21 26.24 6.67
CA SER A 574 3.50 26.98 7.89
C SER A 574 3.16 28.45 7.73
N MET A 575 3.38 28.96 6.53
CA MET A 575 3.13 30.39 6.26
C MET A 575 1.65 30.79 6.22
N LYS A 576 0.74 29.84 6.38
CA LYS A 576 -0.65 30.16 6.69
C LYS A 576 -0.76 30.81 8.08
N HIS A 577 0.30 30.74 8.91
CA HIS A 577 0.27 31.23 10.32
C HIS A 577 1.39 32.24 10.57
N PRO A 578 1.39 33.36 9.80
CA PRO A 578 2.53 34.24 9.85
C PRO A 578 2.74 34.86 11.22
N GLN A 579 1.66 35.18 11.94
N GLN A 579 1.64 35.17 11.93
CA GLN A 579 1.85 35.80 13.28
CA GLN A 579 1.74 35.76 13.29
C GLN A 579 2.54 34.82 14.25
C GLN A 579 2.49 34.83 14.24
N GLU A 580 2.14 33.55 14.21
CA GLU A 580 2.80 32.58 15.10
C GLU A 580 4.26 32.37 14.71
N MET A 581 4.55 32.39 13.41
CA MET A 581 5.94 32.22 12.99
C MET A 581 6.79 33.40 13.50
N LYS A 582 6.22 34.60 13.54
CA LYS A 582 6.97 35.76 14.08
C LYS A 582 7.14 35.59 15.59
N THR A 583 6.04 35.27 16.27
CA THR A 583 6.03 35.18 17.73
C THR A 583 6.99 34.14 18.24
N TYR A 584 7.01 32.98 17.58
CA TYR A 584 7.81 31.87 18.08
C TYR A 584 9.13 31.71 17.32
N SER A 585 9.41 32.65 16.40
CA SER A 585 10.70 32.66 15.69
C SER A 585 10.87 31.36 14.90
N VAL A 586 9.84 30.98 14.18
CA VAL A 586 9.85 29.69 13.48
C VAL A 586 10.49 29.95 12.10
N SER A 587 11.71 29.43 11.92
CA SER A 587 12.46 29.62 10.66
C SER A 587 12.69 28.30 9.92
N PHE A 588 12.45 28.30 8.59
CA PHE A 588 12.79 27.16 7.73
C PHE A 588 14.20 27.33 7.09
N ASP A 589 14.95 28.35 7.54
CA ASP A 589 16.27 28.62 6.95
C ASP A 589 17.18 27.41 6.99
N SER A 590 17.20 26.69 8.12
CA SER A 590 18.07 25.52 8.17
C SER A 590 17.67 24.44 7.19
N LEU A 591 16.37 24.24 7.00
CA LEU A 591 15.96 23.24 6.06
C LEU A 591 16.32 23.61 4.59
N PHE A 592 16.05 24.85 4.19
CA PHE A 592 16.45 25.22 2.85
C PHE A 592 17.97 25.17 2.64
N SER A 593 18.75 25.50 3.69
CA SER A 593 20.21 25.43 3.65
C SER A 593 20.64 23.98 3.41
N ALA A 594 20.06 23.04 4.13
CA ALA A 594 20.36 21.62 3.98
C ALA A 594 20.05 21.14 2.58
N VAL A 595 18.90 21.58 2.05
CA VAL A 595 18.46 21.15 0.70
C VAL A 595 19.42 21.75 -0.35
N LYS A 596 19.80 23.02 -0.19
CA LYS A 596 20.81 23.61 -1.09
C LYS A 596 22.14 22.86 -1.05
N ASN A 597 22.59 22.48 0.16
CA ASN A 597 23.80 21.75 0.29
C ASN A 597 23.66 20.38 -0.34
N PHE A 598 22.52 19.70 -0.12
CA PHE A 598 22.32 18.40 -0.76
C PHE A 598 22.43 18.57 -2.30
N THR A 599 21.81 19.61 -2.82
CA THR A 599 21.82 19.86 -4.32
C THR A 599 23.25 19.97 -4.84
N GLU A 600 24.06 20.78 -4.14
CA GLU A 600 25.45 21.01 -4.53
C GLU A 600 26.29 19.75 -4.41
N ILE A 601 26.18 19.06 -3.28
CA ILE A 601 26.98 17.85 -3.05
C ILE A 601 26.58 16.73 -4.03
N ALA A 602 25.28 16.60 -4.28
CA ALA A 602 24.78 15.59 -5.24
C ALA A 602 25.32 15.90 -6.65
N SER A 603 25.32 17.17 -7.03
CA SER A 603 25.89 17.55 -8.34
C SER A 603 27.37 17.15 -8.47
N LYS A 604 28.16 17.40 -7.44
CA LYS A 604 29.59 17.04 -7.46
C LYS A 604 29.78 15.51 -7.45
N PHE A 605 28.97 14.81 -6.63
CA PHE A 605 29.00 13.37 -6.63
C PHE A 605 28.68 12.81 -8.01
N SER A 606 27.67 13.35 -8.67
CA SER A 606 27.33 12.86 -10.00
C SER A 606 28.50 13.02 -11.01
N GLU A 607 29.23 14.11 -10.92
CA GLU A 607 30.38 14.35 -11.82
C GLU A 607 31.45 13.31 -11.52
N ARG A 608 31.72 13.04 -10.23
CA ARG A 608 32.68 12.02 -9.91
C ARG A 608 32.25 10.68 -10.42
N LEU A 609 30.95 10.41 -10.38
CA LEU A 609 30.44 9.11 -10.77
C LEU A 609 30.60 8.89 -12.26
N GLN A 610 30.56 9.99 -13.00
N GLN A 610 30.50 9.97 -13.01
CA GLN A 610 30.63 9.85 -14.43
CA GLN A 610 30.64 9.86 -14.46
C GLN A 610 32.09 9.84 -14.88
C GLN A 610 32.11 9.69 -14.79
N ASP A 611 32.96 10.33 -14.00
CA ASP A 611 34.41 10.52 -14.23
C ASP A 611 35.46 9.59 -13.61
N PHE A 612 35.12 8.46 -12.98
CA PHE A 612 36.16 7.52 -12.47
C PHE A 612 36.31 6.26 -13.39
N SER A 615 38.54 1.91 -14.41
N SER A 615 36.67 -0.51 -13.77
CA SER A 615 39.04 0.58 -14.13
CA SER A 615 37.30 -1.84 -13.72
C SER A 615 39.17 0.20 -12.62
C SER A 615 38.17 -1.97 -12.45
N ASN A 616 38.64 1.03 -11.66
N ASN A 616 38.04 -1.01 -11.54
CA ASN A 616 38.87 0.78 -10.24
CA ASN A 616 38.74 -1.11 -10.26
C ASN A 616 37.66 0.25 -9.49
C ASN A 616 37.75 -1.60 -9.22
N PRO A 617 37.69 -1.04 -9.11
N PRO A 617 37.82 -2.90 -8.85
CA PRO A 617 36.43 -1.64 -8.62
CA PRO A 617 36.77 -3.46 -7.99
C PRO A 617 36.15 -1.19 -7.18
C PRO A 617 36.45 -2.67 -6.71
N ILE A 618 37.17 -0.75 -6.46
N ILE A 618 37.45 -2.31 -5.91
CA ILE A 618 37.04 -0.24 -5.08
CA ILE A 618 37.12 -1.62 -4.65
C ILE A 618 36.37 1.13 -5.12
C ILE A 618 36.60 -0.21 -4.91
N VAL A 619 36.78 1.99 -6.06
N VAL A 619 37.22 0.51 -5.83
CA VAL A 619 36.11 3.27 -6.23
CA VAL A 619 36.72 1.86 -6.11
C VAL A 619 34.68 3.05 -6.71
C VAL A 619 35.25 1.81 -6.56
N LEU A 620 34.52 2.09 -7.62
N LEU A 620 34.92 0.87 -7.43
CA LEU A 620 33.18 1.74 -8.13
CA LEU A 620 33.54 0.68 -7.84
C LEU A 620 32.25 1.34 -6.98
C LEU A 620 32.69 0.35 -6.63
N ARG A 621 32.69 0.38 -6.17
N ARG A 621 33.21 -0.47 -5.74
CA ARG A 621 31.89 -0.20 -5.11
CA ARG A 621 32.42 -0.79 -4.55
C ARG A 621 31.77 0.79 -3.99
C ARG A 621 32.02 0.43 -3.69
N MET A 622 32.87 1.46 -3.63
CA MET A 622 32.72 2.65 -2.74
C MET A 622 31.61 3.55 -3.28
N MET A 623 31.62 3.85 -4.59
CA MET A 623 30.56 4.72 -5.09
C MET A 623 29.19 4.03 -5.10
N ASN A 624 29.17 2.75 -5.43
CA ASN A 624 27.90 2.01 -5.39
C ASN A 624 27.38 1.96 -3.94
N ASP A 625 28.26 1.78 -2.96
CA ASP A 625 27.83 1.84 -1.55
C ASP A 625 27.25 3.23 -1.21
N GLN A 626 27.85 4.31 -1.71
CA GLN A 626 27.29 5.64 -1.44
C GLN A 626 25.87 5.73 -2.04
N LEU A 627 25.69 5.17 -3.23
CA LEU A 627 24.37 5.15 -3.87
C LEU A 627 23.37 4.31 -3.09
N MET A 628 23.81 3.13 -2.64
CA MET A 628 22.89 2.19 -1.93
C MET A 628 22.52 2.77 -0.56
N PHE A 629 23.49 3.37 0.11
CA PHE A 629 23.18 3.87 1.51
C PHE A 629 22.60 5.28 1.52
N LEU A 630 22.36 5.86 0.34
CA LEU A 630 21.75 7.18 0.33
C LEU A 630 20.31 7.14 0.84
N GLU A 631 19.49 6.23 0.30
CA GLU A 631 18.12 6.07 0.88
C GLU A 631 18.23 5.75 2.38
N ARG A 632 19.23 4.96 2.74
CA ARG A 632 19.39 4.57 4.13
C ARG A 632 19.65 5.80 5.04
N ALA A 633 20.31 6.83 4.49
CA ALA A 633 20.65 7.99 5.29
C ALA A 633 19.45 8.78 5.74
N PHE A 634 18.29 8.60 5.08
CA PHE A 634 17.08 9.32 5.52
C PHE A 634 16.40 8.67 6.66
N ILE A 635 16.95 7.56 7.19
CA ILE A 635 16.36 6.91 8.35
C ILE A 635 16.81 7.58 9.64
N ASP A 636 15.88 7.81 10.57
CA ASP A 636 16.19 8.30 11.91
C ASP A 636 15.95 7.14 12.87
N PRO A 637 16.99 6.70 13.57
CA PRO A 637 16.85 5.50 14.36
C PRO A 637 15.84 5.72 15.52
N LEU A 638 15.49 6.96 15.82
CA LEU A 638 14.46 7.20 16.87
C LEU A 638 13.00 7.19 16.36
N GLY A 639 12.82 7.09 15.04
CA GLY A 639 11.49 6.99 14.45
C GLY A 639 10.77 8.33 14.47
N LEU A 640 9.58 8.40 13.88
CA LEU A 640 8.72 9.58 14.02
C LEU A 640 7.91 9.52 15.31
N PRO A 641 7.40 10.67 15.78
CA PRO A 641 6.68 10.70 17.06
C PRO A 641 5.55 9.69 17.21
N ASP A 642 5.65 8.85 18.24
CA ASP A 642 4.72 7.78 18.53
C ASP A 642 4.56 6.75 17.42
N ARG A 643 5.45 6.78 16.40
CA ARG A 643 5.38 5.78 15.30
C ARG A 643 6.85 5.30 15.07
N PRO A 644 7.34 4.45 15.99
CA PRO A 644 8.76 4.11 15.95
C PRO A 644 9.18 3.31 14.76
N PHE A 645 8.25 2.62 14.10
CA PHE A 645 8.57 1.85 12.88
C PHE A 645 8.45 2.63 11.58
N TYR A 646 8.08 3.92 11.66
CA TYR A 646 8.17 4.79 10.49
C TYR A 646 9.37 5.66 10.77
N ARG A 647 10.50 5.32 10.12
CA ARG A 647 11.79 5.93 10.45
CA ARG A 647 11.78 5.94 10.47
C ARG A 647 12.34 6.87 9.38
N HIS A 648 11.70 6.88 8.18
CA HIS A 648 12.21 7.69 7.09
C HIS A 648 11.73 9.15 7.37
N VAL A 649 12.63 10.13 7.27
CA VAL A 649 12.27 11.49 7.70
C VAL A 649 11.63 12.23 6.51
N ILE A 650 11.89 11.76 5.32
CA ILE A 650 11.30 12.49 4.15
C ILE A 650 9.88 12.02 3.84
N TYR A 651 9.61 10.71 4.00
CA TYR A 651 8.35 10.05 3.63
C TYR A 651 7.80 9.23 4.76
N ALA A 652 6.51 9.34 5.00
CA ALA A 652 5.83 8.35 5.83
C ALA A 652 4.40 8.27 5.32
N PRO A 653 3.72 7.14 5.62
CA PRO A 653 2.30 7.07 5.32
C PRO A 653 1.58 8.19 6.07
N SER A 654 0.61 8.84 5.41
CA SER A 654 -0.10 9.90 6.07
C SER A 654 -0.77 9.41 7.36
N SER A 655 -0.68 10.19 8.43
CA SER A 655 -1.37 9.85 9.71
C SER A 655 -2.91 9.82 9.56
N HIS A 656 -3.43 10.35 8.45
CA HIS A 656 -4.87 10.39 8.19
C HIS A 656 -5.29 9.39 7.16
N ASN A 657 -4.32 8.71 6.50
CA ASN A 657 -4.68 7.82 5.38
C ASN A 657 -3.44 7.03 5.04
N LYS A 658 -3.33 5.83 5.61
CA LYS A 658 -2.16 4.96 5.40
C LYS A 658 -1.81 4.78 3.92
N TYR A 659 -2.79 4.88 3.01
CA TYR A 659 -2.44 4.65 1.57
C TYR A 659 -1.63 5.78 0.95
N ALA A 660 -1.76 6.99 1.48
CA ALA A 660 -1.15 8.18 0.88
C ALA A 660 0.24 8.46 1.49
N GLY A 661 1.22 8.82 0.68
CA GLY A 661 2.48 9.21 1.31
C GLY A 661 2.40 10.67 1.70
N GLU A 662 3.09 11.04 2.77
CA GLU A 662 3.24 12.41 3.17
C GLU A 662 4.74 12.78 3.11
N SER A 663 5.10 13.97 2.64
CA SER A 663 6.52 14.40 2.65
C SER A 663 6.79 15.23 3.92
N PHE A 664 8.04 15.21 4.43
CA PHE A 664 8.41 15.86 5.73
C PHE A 664 7.25 15.59 6.73
N PRO A 665 6.95 14.30 6.98
CA PRO A 665 5.82 13.95 7.81
C PRO A 665 5.94 14.45 9.21
N GLY A 666 7.16 14.52 9.76
CA GLY A 666 7.27 14.98 11.16
C GLY A 666 6.83 16.45 11.27
N ILE A 667 7.25 17.27 10.30
CA ILE A 667 6.85 18.70 10.32
C ILE A 667 5.36 18.82 9.95
N TYR A 668 4.90 18.04 8.97
CA TYR A 668 3.52 18.12 8.53
C TYR A 668 2.59 17.82 9.72
N ASP A 669 2.86 16.74 10.46
CA ASP A 669 1.97 16.41 11.59
C ASP A 669 2.09 17.43 12.72
N ALA A 670 3.29 18.00 12.94
CA ALA A 670 3.41 19.04 13.98
C ALA A 670 2.53 20.29 13.57
N LEU A 671 2.42 20.54 12.28
CA LEU A 671 1.62 21.72 11.81
C LEU A 671 0.12 21.46 11.69
N PHE A 672 -0.25 20.19 11.60
CA PHE A 672 -1.63 19.83 11.30
C PHE A 672 -2.57 20.30 12.39
N ASP A 673 -3.54 21.09 11.97
CA ASP A 673 -4.61 21.61 12.88
C ASP A 673 -4.00 22.36 14.07
N ILE A 674 -2.85 23.02 13.86
CA ILE A 674 -2.12 23.61 14.98
C ILE A 674 -2.91 24.76 15.60
N GLU A 675 -3.75 25.43 14.80
CA GLU A 675 -4.51 26.55 15.32
C GLU A 675 -5.53 26.14 16.37
N SER A 676 -5.77 24.84 16.50
CA SER A 676 -6.66 24.26 17.50
C SER A 676 -5.97 23.82 18.76
N LYS A 677 -4.64 23.85 18.81
CA LYS A 677 -3.92 23.41 19.99
C LYS A 677 -4.02 24.41 21.13
N VAL A 678 -4.13 23.90 22.34
CA VAL A 678 -4.48 24.76 23.47
C VAL A 678 -3.22 25.47 24.01
N ASP A 679 -2.04 24.91 23.74
CA ASP A 679 -0.76 25.54 24.13
C ASP A 679 0.10 25.84 22.89
N PRO A 680 -0.08 27.01 22.28
CA PRO A 680 0.60 27.30 21.02
C PRO A 680 2.11 27.33 21.18
N SER A 681 2.60 27.78 22.32
CA SER A 681 4.04 27.77 22.55
C SER A 681 4.64 26.37 22.43
N LYS A 682 4.00 25.42 23.10
CA LYS A 682 4.40 24.05 22.99
C LYS A 682 4.26 23.51 21.56
N ALA A 683 3.14 23.82 20.88
CA ALA A 683 2.90 23.28 19.57
C ALA A 683 3.93 23.82 18.57
N TRP A 684 4.17 25.14 18.60
CA TRP A 684 5.18 25.71 17.68
C TRP A 684 6.61 25.27 18.04
N GLY A 685 6.86 25.02 19.31
CA GLY A 685 8.18 24.46 19.67
C GLY A 685 8.39 23.10 19.02
N GLU A 686 7.34 22.27 18.95
CA GLU A 686 7.45 20.96 18.32
C GLU A 686 7.62 21.12 16.78
N VAL A 687 6.96 22.15 16.20
CA VAL A 687 7.26 22.42 14.77
C VAL A 687 8.77 22.68 14.60
N LYS A 688 9.32 23.58 15.42
CA LYS A 688 10.73 23.93 15.31
C LYS A 688 11.62 22.70 15.55
N ARG A 689 11.21 21.85 16.48
CA ARG A 689 12.00 20.64 16.69
C ARG A 689 12.02 19.74 15.44
N GLN A 690 10.86 19.61 14.78
CA GLN A 690 10.78 18.80 13.56
C GLN A 690 11.55 19.44 12.39
N ILE A 691 11.56 20.78 12.30
CA ILE A 691 12.40 21.42 11.28
C ILE A 691 13.86 21.09 11.49
N TYR A 692 14.35 21.18 12.72
CA TYR A 692 15.74 20.80 13.06
C TYR A 692 16.04 19.34 12.70
N VAL A 693 15.15 18.42 13.09
CA VAL A 693 15.36 17.01 12.74
C VAL A 693 15.44 16.82 11.20
N ALA A 694 14.53 17.47 10.49
CA ALA A 694 14.53 17.34 9.02
C ALA A 694 15.78 17.95 8.38
N ALA A 695 16.15 19.18 8.82
CA ALA A 695 17.33 19.86 8.24
C ALA A 695 18.58 19.04 8.55
N PHE A 696 18.66 18.53 9.80
CA PHE A 696 19.84 17.74 10.16
C PHE A 696 19.91 16.48 9.27
N THR A 697 18.78 15.80 9.09
CA THR A 697 18.79 14.51 8.35
C THR A 697 19.15 14.78 6.90
N VAL A 698 18.60 15.86 6.29
CA VAL A 698 18.93 16.15 4.85
C VAL A 698 20.42 16.42 4.72
N GLN A 699 20.97 17.25 5.64
CA GLN A 699 22.42 17.54 5.60
C GLN A 699 23.24 16.24 5.82
N ALA A 700 22.82 15.41 6.77
CA ALA A 700 23.56 14.15 7.04
C ALA A 700 23.57 13.23 5.82
N ALA A 701 22.42 13.15 5.13
CA ALA A 701 22.27 12.36 3.92
C ALA A 701 23.19 12.96 2.84
N ALA A 702 23.15 14.28 2.66
CA ALA A 702 24.05 14.94 1.69
C ALA A 702 25.51 14.53 1.98
N GLU A 703 25.89 14.53 3.25
CA GLU A 703 27.29 14.32 3.58
C GLU A 703 27.74 12.91 3.30
N THR A 704 26.79 11.96 3.19
CA THR A 704 27.18 10.61 2.74
C THR A 704 27.71 10.56 1.31
N LEU A 705 27.34 11.59 0.52
CA LEU A 705 27.77 11.73 -0.87
C LEU A 705 29.05 12.54 -1.04
N SER A 706 29.54 13.20 0.04
CA SER A 706 30.81 13.91 -0.03
C SER A 706 31.95 12.90 -0.26
N GLU A 707 33.11 13.36 -0.72
CA GLU A 707 34.29 12.48 -0.76
C GLU A 707 34.50 11.86 0.63
N VAL A 708 34.85 10.58 0.65
CA VAL A 708 34.77 9.83 1.91
C VAL A 708 35.93 10.13 2.90
N ALA A 709 37.01 10.73 2.42
CA ALA A 709 38.20 11.03 3.24
C ALA A 709 39.07 11.93 2.41
C1 NAG B . -1.68 -25.33 -11.00
C2 NAG B . -2.66 -26.49 -10.90
C3 NAG B . -2.03 -27.71 -10.21
C4 NAG B . -0.66 -28.06 -10.77
C5 NAG B . 0.16 -26.79 -10.92
C6 NAG B . 1.53 -27.11 -11.51
C7 NAG B . -4.97 -25.81 -10.86
C8 NAG B . -6.15 -25.39 -10.07
N2 NAG B . -3.85 -26.09 -10.17
O3 NAG B . -2.84 -28.81 -10.50
O4 NAG B . -0.02 -28.89 -9.83
O5 NAG B . -0.55 -25.82 -11.69
O6 NAG B . 1.34 -27.54 -12.86
O7 NAG B . -5.05 -25.85 -12.10
C1 NAG B . 0.41 -30.14 -10.44
C2 NAG B . 1.53 -30.76 -9.60
C3 NAG B . 1.93 -32.18 -10.06
C4 NAG B . 0.73 -33.08 -10.40
C5 NAG B . -0.25 -32.26 -11.28
C6 NAG B . -1.51 -33.05 -11.63
C7 NAG B . 3.04 -29.05 -8.49
C8 NAG B . 2.17 -28.96 -7.29
N2 NAG B . 2.70 -29.88 -9.52
O3 NAG B . 2.61 -32.78 -8.98
O4 NAG B . 1.07 -34.40 -10.89
O5 NAG B . -0.63 -31.10 -10.53
O6 NAG B . -2.29 -33.13 -10.44
O7 NAG B . 4.08 -28.35 -8.54
C1 NAG C . -32.97 -11.67 11.60
C2 NAG C . -34.45 -12.09 11.46
C3 NAG C . -34.95 -12.46 12.84
C4 NAG C . -34.05 -13.48 13.54
C5 NAG C . -32.55 -13.05 13.55
C6 NAG C . -31.60 -14.13 14.09
C7 NAG C . -35.63 -11.00 9.67
C8 NAG C . -36.44 -9.87 9.13
N2 NAG C . -35.24 -11.01 10.92
O3 NAG C . -36.17 -13.13 12.63
O4 NAG C . -34.57 -13.59 14.85
O5 NAG C . -32.20 -12.72 12.22
O6 NAG C . -31.62 -15.35 13.38
O7 NAG C . -35.36 -11.91 8.91
C1 NAG C . -34.58 -14.97 15.26
C2 NAG C . -34.61 -14.95 16.79
C3 NAG C . -34.86 -16.33 17.38
C4 NAG C . -36.02 -17.05 16.66
C5 NAG C . -35.80 -17.04 15.14
C6 NAG C . -36.96 -17.68 14.37
C7 NAG C . -33.17 -13.08 17.56
C8 NAG C . -31.80 -12.71 18.05
N2 NAG C . -33.36 -14.38 17.29
O3 NAG C . -35.30 -16.12 18.69
O4 NAG C . -36.22 -18.34 17.22
O5 NAG C . -35.67 -15.70 14.69
O6 NAG C . -38.02 -16.74 14.21
O7 NAG C . -34.03 -12.19 17.42
C1 NAG D . 19.27 7.49 -18.31
C2 NAG D . 20.46 7.11 -17.43
C3 NAG D . 21.41 8.31 -17.50
C4 NAG D . 21.77 8.65 -18.96
C5 NAG D . 20.48 8.89 -19.76
C6 NAG D . 20.69 9.19 -21.26
C7 NAG D . 20.10 5.85 -15.30
C8 NAG D . 20.60 4.63 -15.97
N2 NAG D . 20.04 6.96 -16.03
O3 NAG D . 22.56 7.93 -16.76
O4 NAG D . 22.48 9.86 -18.95
O5 NAG D . 19.77 7.67 -19.65
O6 NAG D . 21.43 8.11 -21.81
O7 NAG D . 19.76 5.81 -14.08
C1 NAG D . 23.71 9.71 -19.64
C2 NAG D . 24.24 11.14 -19.76
C3 NAG D . 25.59 11.15 -20.46
C4 NAG D . 26.53 10.20 -19.71
C5 NAG D . 25.86 8.80 -19.72
C6 NAG D . 26.76 7.72 -19.13
C7 NAG D . 22.55 12.87 -19.88
C8 NAG D . 22.62 13.07 -18.38
N2 NAG D . 23.31 11.97 -20.48
O3 NAG D . 26.02 12.49 -20.45
O4 NAG D . 27.82 10.18 -20.30
O5 NAG D . 24.64 8.90 -18.98
O6 NAG D . 27.24 8.21 -17.89
O7 NAG D . 21.76 13.53 -20.55
C1 NAG E . 25.32 24.02 4.39
C2 NAG E . 25.14 23.80 5.92
C3 NAG E . 25.84 24.96 6.63
C4 NAG E . 27.33 25.02 6.19
C5 NAG E . 27.49 24.99 4.67
C6 NAG E . 28.97 24.76 4.34
C7 NAG E . 23.30 22.83 7.19
C8 NAG E . 21.83 22.87 7.40
N2 NAG E . 23.74 23.71 6.28
O3 NAG E . 25.76 24.76 8.00
O4 NAG E . 27.93 26.24 6.58
O5 NAG E . 26.71 23.90 4.16
O6 NAG E . 29.26 25.24 3.04
O7 NAG E . 24.05 22.04 7.81
C1 NAG E . 28.37 26.14 7.94
C2 NAG E . 29.75 26.76 8.14
C3 NAG E . 30.10 27.02 9.61
C4 NAG E . 28.94 27.77 10.25
C5 NAG E . 27.71 26.89 10.02
C6 NAG E . 26.47 27.36 10.78
C7 NAG E . 31.43 26.17 6.53
C8 NAG E . 31.16 27.50 5.86
N2 NAG E . 30.72 25.87 7.61
O3 NAG E . 31.31 27.79 9.73
O4 NAG E . 29.05 27.93 11.66
O5 NAG E . 27.43 26.92 8.63
O6 NAG E . 26.23 28.66 10.28
O7 NAG E . 32.25 25.35 6.08
C1 BMA E . 29.84 29.04 12.09
C2 BMA E . 29.28 29.54 13.42
C3 BMA E . 30.18 30.61 13.98
C4 BMA E . 31.59 30.05 14.09
C5 BMA E . 32.07 29.51 12.75
C6 BMA E . 33.44 28.86 12.82
O2 BMA E . 29.20 28.44 14.37
O3 BMA E . 29.64 30.85 15.29
O4 BMA E . 32.44 31.08 14.55
O5 BMA E . 31.15 28.52 12.28
O6 BMA E . 33.76 28.28 11.56
C1 MAN E . 29.64 32.27 15.58
C2 MAN E . 29.46 32.39 17.11
C3 MAN E . 28.03 32.07 17.53
C4 MAN E . 26.99 32.77 16.67
C5 MAN E . 27.33 32.45 15.20
C6 MAN E . 26.25 32.78 14.17
O2 MAN E . 29.71 33.72 17.41
O3 MAN E . 27.78 32.41 18.88
O4 MAN E . 25.73 32.21 16.98
O5 MAN E . 28.61 32.98 14.90
O6 MAN E . 25.85 34.13 14.29
ZN ZN F . -5.69 -6.48 -0.89
ZN ZN G . -2.85 -7.11 -2.44
CA CA H . 7.11 -9.22 14.72
CL CL I . 2.19 -3.07 -6.35
C1 NAG J . -18.17 -20.13 17.48
C2 NAG J . -17.29 -20.29 18.70
C3 NAG J . -17.69 -21.39 19.67
C4 NAG J . -19.18 -21.34 19.96
C5 NAG J . -19.94 -20.27 19.13
C6 NAG J . -19.90 -18.83 19.78
C7 NAG J . -15.02 -19.65 18.56
C8 NAG J . -15.35 -18.52 19.53
N2 NAG J . -15.96 -20.50 18.18
O3 NAG J . -17.04 -21.14 20.89
O4 NAG J . -19.74 -22.64 19.78
O5 NAG J . -19.54 -20.29 17.75
O6 NAG J . -20.06 -18.82 21.21
O7 NAG J . -13.89 -19.79 18.12
C1 NAG K . -20.90 13.65 24.07
C2 NAG K . -20.23 14.63 25.03
C3 NAG K . -19.56 13.76 26.08
C4 NAG K . -20.61 13.00 26.87
C5 NAG K . -21.25 12.05 25.89
C6 NAG K . -22.24 11.04 26.53
C7 NAG K . -19.59 16.60 23.71
C8 NAG K . -18.45 17.35 23.07
N2 NAG K . -19.27 15.47 24.35
O3 NAG K . -18.76 14.53 26.94
O4 NAG K . -20.02 12.32 27.95
O5 NAG K . -21.79 12.80 24.80
O6 NAG K . -23.39 11.58 27.13
O7 NAG K . -20.73 17.05 23.61
C1 NAG L . -10.83 -1.28 -21.07
C2 NAG L . -11.74 -0.68 -19.99
C3 NAG L . -13.05 -0.05 -20.53
C4 NAG L . -12.72 0.93 -21.66
C5 NAG L . -11.86 0.24 -22.71
C6 NAG L . -11.52 1.27 -23.79
C7 NAG L . -11.73 -1.46 -17.71
C8 NAG L . -11.97 -2.54 -16.73
N2 NAG L . -11.96 -1.72 -19.00
O3 NAG L . -13.70 0.79 -19.57
O4 NAG L . -13.89 1.58 -22.22
O5 NAG L . -10.68 -0.35 -22.14
O6 NAG L . -11.41 2.59 -23.24
O7 NAG L . -11.37 -0.36 -17.31
OAA ARK M . -1.62 -1.74 5.45
OAA ARK M . -1.30 -2.35 5.33
CBH ARK M . -2.41 -2.73 5.30
CBH ARK M . -2.29 -3.10 5.16
OAG ARK M . -2.82 -3.45 6.22
OAG ARK M . -2.73 -4.00 5.92
CAV ARK M . -2.93 -3.05 3.84
CAV ARK M . -3.06 -2.94 3.87
CAX ARK M . -3.48 -4.47 3.50
CAX ARK M . -3.72 -4.25 3.53
CBQ ARK M . -4.35 -4.48 2.18
CBQ ARK M . -4.49 -4.06 2.24
CBJ ARK M . -5.53 -3.47 2.43
CBJ ARK M . -5.67 -3.14 2.50
OAI ARK M . -6.59 -3.91 3.00
OAI ARK M . -6.64 -3.60 3.16
OAC ARK M . -5.40 -2.27 2.04
OAC ARK M . -5.58 -1.98 2.04
NBE ARK M . -3.63 -3.93 1.04
NBE ARK M . -3.67 -3.33 1.25
CBK ARK M . -4.26 -3.59 -0.10
CBK ARK M . -4.18 -3.19 0.02
OAD ARK M . -5.40 -4.00 -0.32
OAD ARK M . -5.24 -3.77 -0.28
N ARK M . -3.54 -2.85 -0.94
N ARK M . -3.52 -2.43 -0.85
CA ARK M . -4.02 -2.40 -2.25
CA ARK M . -3.98 -2.33 -2.26
C ARK M . -2.80 -2.21 -3.16
C ARK M . -2.88 -1.65 -3.08
OXT ARK M . -1.82 -1.60 -2.67
OXT ARK M . -1.94 -1.09 -2.45
O ARK M . -2.94 -2.64 -4.35
O ARK M . -3.00 -1.73 -4.34
CB ARK M . -4.62 -0.99 -1.92
CB ARK M . -5.36 -1.60 -2.40
CAP ARK M . -5.65 -0.59 -2.98
CAP ARK M . -5.52 -0.25 -1.65
CAQ ARK M . -5.60 0.92 -3.18
CAQ ARK M . -6.39 0.82 -2.40
CAY ARK M . -6.98 1.56 -3.05
CAY ARK M . -7.92 0.86 -2.10
NBR ARK M . -6.77 3.04 -3.05
NBR ARK M . -8.51 2.24 -1.91
CAO ARK M . -5.86 3.66 -3.81
CAO ARK M . -8.10 3.38 -2.45
NBB ARK M . -7.38 3.86 -2.32
NBB ARK M . -9.49 2.48 -1.18
NBA ARK M . -6.98 5.00 -2.54
NBA ARK M . -9.78 3.69 -1.17
CBL ARK M . -6.01 4.93 -3.48
CBL ARK M . -8.93 4.31 -1.98
CAZ ARK M . -5.28 6.00 -4.02
CAZ ARK M . -8.89 5.70 -2.26
OBG ARK M . -3.99 6.31 -3.47
OBG ARK M . -10.00 6.46 -2.92
CAU ARK M . -2.94 5.97 -4.41
CAU ARK M . -9.47 7.47 -3.84
CAT ARK M . -1.76 6.97 -4.38
CAT ARK M . -9.41 8.91 -3.28
OBF ARK M . -1.88 7.92 -5.47
OBF ARK M . -8.61 9.85 -4.03
CAS ARK M . -1.23 7.41 -6.65
CAS ARK M . -8.98 11.23 -3.76
CAR ARK M . -2.15 7.31 -7.89
CAR ARK M . -7.77 12.20 -3.63
NBC ARK M . -1.90 8.47 -8.76
NBC ARK M . -7.89 13.35 -4.56
CBN ARK M . -2.26 8.56 -10.05
CBN ARK M . -7.46 14.58 -4.23
CAM ARK M . -1.74 7.68 -11.02
CAM ARK M . -8.37 15.55 -3.78
CAL ARK M . -2.14 7.81 -12.34
CAL ARK M . -7.95 16.83 -3.45
CBM ARK M . -3.02 8.83 -12.71
CBM ARK M . -6.60 17.16 -3.58
NBS ARK M . -3.46 8.99 -13.97
NBS ARK M . -6.15 18.38 -3.26
OAJ ARK M . -4.41 10.01 -14.25
OAJ ARK M . -4.77 18.67 -3.34
OAE ARK M . -3.09 8.11 -15.05
OAE ARK M . -7.04 19.37 -2.78
CAN ARK M . -3.52 9.70 -11.77
CAN ARK M . -5.70 16.21 -4.03
CBO ARK M . -3.13 9.58 -10.44
CBO ARK M . -6.12 14.93 -4.36
NBT ARK M . -3.66 10.43 -9.58
NBT ARK M . -5.24 14.06 -4.79
OAK ARK M . -4.59 11.40 -10.03
OAK ARK M . -3.88 14.45 -4.95
OAF ARK M . -3.38 10.32 -8.19
OAF ARK M . -5.64 12.73 -5.10
#